data_5OI9
#
_entry.id   5OI9
#
_cell.length_a   66.020
_cell.length_b   75.231
_cell.length_c   68.530
_cell.angle_alpha   90.00
_cell.angle_beta   97.20
_cell.angle_gamma   90.00
#
_symmetry.space_group_name_H-M   'P 1 21 1'
#
loop_
_entity.id
_entity.type
_entity.pdbx_description
1 polymer 'Putative uncharacterized protein'
2 non-polymer '2-(N-MORPHOLINO)-ETHANESULFONIC ACID'
3 water water
#
_entity_poly.entity_id   1
_entity_poly.type   'polypeptide(L)'
_entity_poly.pdbx_seq_one_letter_code
;GGS(MSE)ATNENLPEI(MSE)TKLWDSKAQGEQEELHLLKGSDCNLTIDITEKCLRLAQRSAYQLHTETSATKRIQKFF
LLGSLNINKDDRVIINIDRFDPGRIIDRKEGNKSLHVPTAVIPGDVIIPLS(MSE)QLACLGSEGVSPFSISEYYDAFQT
LTKNLKLSCDSVDIKD(MSE)LSLKIHATYYVDSDEISINVTSGVVVPSALITAVPILPVSIVPTALARSLSGPLHLSNF
QDTQKSGYVAINNSHNLLLVLDSDPKLSSIPLVGIWVDGVISIHHPYVWSAC(MSE)RYLYSQRLTNKIRDGSTGFILVL
YTQTRPKPEFWECSFSGKSDKFLYCQASDDIF(MSE)EKVAKTRNEY(MSE)RLQLVPNEFGENLYFQ
;
_entity_poly.pdbx_strand_id   A,B
#
# COMPACT_ATOMS: atom_id res chain seq x y z
N LYS A 16 -25.60 -20.90 -17.32
CA LYS A 16 -26.42 -21.04 -16.13
C LYS A 16 -25.58 -21.47 -14.92
N LEU A 17 -24.26 -21.42 -15.08
CA LEU A 17 -23.39 -21.81 -13.98
C LEU A 17 -23.41 -20.80 -12.86
N TRP A 18 -23.57 -19.52 -13.18
CA TRP A 18 -23.74 -18.48 -12.18
C TRP A 18 -24.44 -17.29 -12.84
N ASP A 19 -24.82 -16.32 -12.00
CA ASP A 19 -25.45 -15.10 -12.46
C ASP A 19 -24.39 -14.08 -12.82
N SER A 20 -24.49 -13.53 -14.04
CA SER A 20 -23.47 -12.64 -14.58
C SER A 20 -23.86 -11.16 -14.49
N LYS A 21 -24.98 -10.83 -13.84
CA LYS A 21 -25.39 -9.44 -13.74
C LYS A 21 -24.32 -8.63 -12.99
N ALA A 22 -23.93 -7.50 -13.59
CA ALA A 22 -22.90 -6.66 -13.00
C ALA A 22 -23.39 -6.04 -11.70
N GLN A 23 -22.61 -6.26 -10.63
CA GLN A 23 -22.92 -5.69 -9.32
C GLN A 23 -22.03 -4.51 -8.98
N GLY A 24 -21.30 -3.99 -9.94
CA GLY A 24 -20.43 -2.85 -9.71
C GLY A 24 -19.75 -2.45 -10.99
N GLU A 25 -18.93 -1.40 -10.88
CA GLU A 25 -18.20 -0.90 -12.04
C GLU A 25 -17.29 -1.98 -12.62
N GLN A 26 -17.21 -2.03 -13.95
CA GLN A 26 -16.18 -2.82 -14.60
C GLN A 26 -14.80 -2.32 -14.19
N GLU A 27 -13.84 -3.23 -14.18
CA GLU A 27 -12.44 -2.89 -13.96
C GLU A 27 -11.61 -3.46 -15.10
N GLU A 28 -10.59 -2.71 -15.50
CA GLU A 28 -9.64 -3.15 -16.52
C GLU A 28 -8.33 -3.50 -15.83
N LEU A 29 -7.89 -4.74 -15.98
CA LEU A 29 -6.70 -5.26 -15.32
C LEU A 29 -5.55 -5.34 -16.31
N HIS A 30 -4.36 -4.95 -15.86
CA HIS A 30 -3.14 -5.13 -16.64
C HIS A 30 -1.94 -5.09 -15.70
N LEU A 31 -0.84 -5.70 -16.14
CA LEU A 31 0.37 -5.81 -15.33
C LEU A 31 0.79 -4.46 -14.77
N LEU A 32 0.79 -3.41 -15.61
CA LEU A 32 1.32 -2.11 -15.23
C LEU A 32 0.21 -1.11 -14.91
N LYS A 33 -0.98 -1.59 -14.59
CA LYS A 33 -2.11 -0.68 -14.34
C LYS A 33 -1.84 0.19 -13.12
N GLY A 34 -1.48 -0.42 -12.00
CA GLY A 34 -1.24 0.32 -10.78
C GLY A 34 -0.08 1.29 -10.85
N SER A 35 0.89 1.03 -11.73
CA SER A 35 2.07 1.89 -11.86
C SER A 35 1.93 2.91 -12.98
N ASP A 36 0.70 3.25 -13.38
CA ASP A 36 0.45 4.24 -14.42
C ASP A 36 1.14 3.86 -15.74
N CYS A 37 1.19 2.56 -16.03
CA CYS A 37 1.86 1.99 -17.20
C CYS A 37 3.37 2.15 -17.15
N ASN A 38 3.94 2.41 -15.98
CA ASN A 38 5.36 2.68 -15.81
C ASN A 38 6.06 1.46 -15.23
N LEU A 39 7.16 1.05 -15.86
CA LEU A 39 8.03 -0.01 -15.35
C LEU A 39 9.37 0.62 -14.97
N THR A 40 9.78 0.47 -13.72
CA THR A 40 11.01 1.06 -13.20
C THR A 40 12.09 -0.01 -13.10
N ILE A 41 13.29 0.31 -13.59
CA ILE A 41 14.44 -0.58 -13.52
C ILE A 41 15.55 0.14 -12.74
N ASP A 42 16.03 -0.50 -11.67
CA ASP A 42 17.17 -0.01 -10.91
C ASP A 42 18.33 -0.97 -11.09
N ILE A 43 19.46 -0.47 -11.55
CA ILE A 43 20.64 -1.28 -11.85
C ILE A 43 21.81 -0.74 -11.03
N THR A 44 22.42 -1.59 -10.21
CA THR A 44 23.52 -1.14 -9.37
C THR A 44 24.79 -0.96 -10.20
N GLU A 45 25.59 0.03 -9.81
CA GLU A 45 26.87 0.25 -10.48
CA GLU A 45 26.87 0.25 -10.48
C GLU A 45 27.79 -0.95 -10.31
N LYS A 46 27.71 -1.63 -9.15
CA LYS A 46 28.61 -2.74 -8.88
C LYS A 46 28.43 -3.89 -9.86
N CYS A 47 27.18 -4.26 -10.17
CA CYS A 47 26.99 -5.37 -11.09
C CYS A 47 27.34 -4.98 -12.52
N LEU A 48 27.11 -3.71 -12.89
CA LEU A 48 27.61 -3.22 -14.18
C LEU A 48 29.14 -3.24 -14.22
N ARG A 49 29.79 -2.88 -13.11
CA ARG A 49 31.25 -2.91 -13.07
C ARG A 49 31.77 -4.33 -13.20
N LEU A 50 31.12 -5.30 -12.54
CA LEU A 50 31.51 -6.69 -12.69
C LEU A 50 31.26 -7.18 -14.12
N ALA A 51 30.14 -6.78 -14.72
CA ALA A 51 29.86 -7.17 -16.10
C ALA A 51 30.91 -6.62 -17.05
N GLN A 52 31.25 -5.34 -16.91
CA GLN A 52 32.26 -4.75 -17.78
C GLN A 52 33.63 -5.35 -17.51
N ARG A 53 33.95 -5.61 -16.25
CA ARG A 53 35.23 -6.22 -15.91
C ARG A 53 35.39 -7.58 -16.57
N SER A 54 34.36 -8.43 -16.44
CA SER A 54 34.42 -9.75 -17.06
C SER A 54 34.48 -9.64 -18.57
N ALA A 55 33.73 -8.70 -19.15
CA ALA A 55 33.72 -8.55 -20.61
C ALA A 55 35.07 -8.08 -21.13
N TYR A 56 35.73 -7.17 -20.40
CA TYR A 56 36.96 -6.57 -20.92
C TYR A 56 38.11 -7.56 -20.87
N GLN A 57 38.16 -8.41 -19.84
CA GLN A 57 39.20 -9.44 -19.79
C GLN A 57 39.10 -10.38 -20.98
N LEU A 58 37.90 -10.87 -21.26
CA LEU A 58 37.70 -11.78 -22.38
C LEU A 58 38.12 -11.14 -23.70
N HIS A 59 37.70 -9.89 -23.94
CA HIS A 59 37.99 -9.27 -25.22
C HIS A 59 39.47 -9.02 -25.44
N THR A 60 40.27 -8.99 -24.37
CA THR A 60 41.70 -8.71 -24.48
C THR A 60 42.53 -9.96 -24.27
N GLU A 61 42.62 -10.46 -23.02
CA GLU A 61 43.43 -11.64 -22.70
C GLU A 61 42.76 -12.96 -23.12
N THR A 62 41.82 -12.91 -24.06
CA THR A 62 41.20 -14.11 -24.59
C THR A 62 40.86 -13.86 -26.05
N SER A 63 40.94 -14.90 -26.88
CA SER A 63 40.93 -14.72 -28.32
C SER A 63 39.67 -15.22 -29.01
N ALA A 64 38.93 -16.16 -28.42
CA ALA A 64 37.68 -16.63 -28.99
C ALA A 64 36.50 -15.77 -28.60
N THR A 65 36.75 -14.55 -28.15
CA THR A 65 35.69 -13.66 -27.72
C THR A 65 34.88 -13.21 -28.93
N LYS A 66 33.60 -13.56 -28.93
CA LYS A 66 32.68 -12.95 -29.88
C LYS A 66 32.66 -11.44 -29.67
N ARG A 67 32.47 -10.69 -30.75
CA ARG A 67 32.47 -9.24 -30.64
C ARG A 67 31.43 -8.76 -29.64
N ILE A 68 30.29 -9.44 -29.60
CA ILE A 68 29.24 -9.16 -28.62
C ILE A 68 29.22 -10.31 -27.62
N GLN A 69 29.58 -10.01 -26.37
CA GLN A 69 29.52 -11.00 -25.31
C GLN A 69 28.08 -11.17 -24.83
N LYS A 70 27.76 -12.40 -24.41
CA LYS A 70 26.43 -12.75 -23.94
C LYS A 70 26.53 -13.15 -22.47
N PHE A 71 25.94 -12.32 -21.59
CA PHE A 71 25.90 -12.64 -20.17
C PHE A 71 24.48 -12.58 -19.64
N PHE A 72 24.33 -12.66 -18.32
CA PHE A 72 23.06 -12.46 -17.66
C PHE A 72 23.22 -11.47 -16.52
N LEU A 73 22.21 -10.62 -16.35
CA LEU A 73 22.00 -9.90 -15.09
C LEU A 73 20.85 -10.58 -14.36
N LEU A 74 20.93 -10.58 -13.03
CA LEU A 74 19.91 -11.19 -12.20
C LEU A 74 19.28 -10.12 -11.33
N GLY A 75 17.95 -10.11 -11.28
CA GLY A 75 17.21 -9.12 -10.52
C GLY A 75 16.07 -9.75 -9.74
N SER A 76 15.38 -8.89 -9.00
CA SER A 76 14.19 -9.29 -8.26
C SER A 76 13.06 -8.36 -8.62
N LEU A 77 11.84 -8.88 -8.58
CA LEU A 77 10.64 -8.12 -8.92
C LEU A 77 9.95 -7.69 -7.63
N ASN A 78 9.76 -6.39 -7.46
CA ASN A 78 9.17 -5.83 -6.26
C ASN A 78 7.99 -4.92 -6.62
N ILE A 79 6.99 -4.90 -5.75
CA ILE A 79 5.77 -4.13 -5.95
C ILE A 79 5.54 -3.32 -4.67
N ASN A 80 5.54 -1.99 -4.79
CA ASN A 80 5.70 -1.29 -3.52
C ASN A 80 4.69 -0.18 -3.23
N LYS A 81 4.29 0.62 -4.22
CA LYS A 81 3.34 1.71 -3.95
C LYS A 81 2.24 1.72 -5.00
N ASP A 82 1.02 1.42 -4.58
CA ASP A 82 -0.14 1.28 -5.44
C ASP A 82 0.16 0.36 -6.63
N ASP A 83 0.68 -0.82 -6.30
CA ASP A 83 0.96 -1.86 -7.29
C ASP A 83 1.94 -1.36 -8.36
N ARG A 84 2.97 -0.62 -7.93
CA ARG A 84 4.00 -0.12 -8.82
C ARG A 84 5.15 -1.11 -8.91
N VAL A 85 5.43 -1.61 -10.11
CA VAL A 85 6.38 -2.69 -10.32
C VAL A 85 7.76 -2.11 -10.54
N ILE A 86 8.75 -2.63 -9.79
CA ILE A 86 10.14 -2.23 -9.91
C ILE A 86 10.99 -3.49 -10.00
N ILE A 87 11.92 -3.51 -10.96
CA ILE A 87 12.89 -4.59 -11.07
C ILE A 87 14.22 -4.09 -10.51
N ASN A 88 14.72 -4.78 -9.49
CA ASN A 88 15.97 -4.41 -8.83
C ASN A 88 17.07 -5.34 -9.32
N ILE A 89 17.93 -4.83 -10.20
CA ILE A 89 19.00 -5.62 -10.81
C ILE A 89 20.29 -5.33 -10.06
N ASP A 90 20.87 -6.38 -9.45
CA ASP A 90 22.06 -6.19 -8.62
C ASP A 90 23.06 -7.33 -8.70
N ARG A 91 22.92 -8.25 -9.66
CA ARG A 91 23.82 -9.40 -9.75
C ARG A 91 24.21 -9.64 -11.20
N PHE A 92 25.51 -9.83 -11.42
CA PHE A 92 26.04 -10.23 -12.71
C PHE A 92 26.33 -11.72 -12.70
N ASP A 93 26.06 -12.38 -13.82
CA ASP A 93 26.25 -13.82 -13.94
C ASP A 93 26.73 -14.15 -15.34
N PRO A 94 27.96 -14.63 -15.50
CA PRO A 94 28.44 -14.98 -16.85
C PRO A 94 27.65 -16.09 -17.49
N GLY A 95 27.09 -17.00 -16.70
CA GLY A 95 26.28 -18.08 -17.21
C GLY A 95 27.10 -19.32 -17.55
N ARG A 96 26.37 -20.41 -17.77
CA ARG A 96 26.96 -21.69 -18.14
C ARG A 96 26.62 -22.03 -19.59
N ILE A 97 27.48 -22.83 -20.20
CA ILE A 97 27.22 -23.45 -21.49
C ILE A 97 26.94 -24.93 -21.26
N ILE A 98 25.84 -25.43 -21.84
CA ILE A 98 25.51 -26.83 -21.75
C ILE A 98 25.34 -27.42 -23.14
N SER A 106 23.79 -27.56 -26.77
CA SER A 106 24.53 -26.30 -26.72
C SER A 106 23.59 -25.14 -26.42
N LEU A 107 23.57 -24.69 -25.16
CA LEU A 107 22.69 -23.62 -24.74
C LEU A 107 23.36 -22.80 -23.63
N HIS A 108 22.98 -21.53 -23.56
CA HIS A 108 23.55 -20.56 -22.64
C HIS A 108 22.52 -20.25 -21.55
N VAL A 109 22.83 -20.59 -20.31
CA VAL A 109 21.89 -20.47 -19.20
C VAL A 109 22.61 -19.90 -17.99
N PRO A 110 21.85 -19.33 -17.04
CA PRO A 110 22.48 -18.80 -15.82
C PRO A 110 23.17 -19.89 -15.01
N THR A 111 24.05 -19.46 -14.12
CA THR A 111 24.82 -20.39 -13.29
C THR A 111 23.89 -21.20 -12.40
N ALA A 112 23.17 -20.54 -11.50
CA ALA A 112 22.26 -21.21 -10.58
C ALA A 112 20.99 -20.36 -10.46
N VAL A 113 19.91 -20.84 -11.08
CA VAL A 113 18.66 -20.10 -11.07
C VAL A 113 18.04 -20.17 -9.68
N ILE A 114 17.89 -19.01 -9.03
CA ILE A 114 17.23 -18.91 -7.73
C ILE A 114 15.75 -18.64 -7.98
N PRO A 115 14.84 -19.27 -7.24
CA PRO A 115 13.43 -18.87 -7.32
C PRO A 115 13.26 -17.41 -6.92
N GLY A 116 12.52 -16.66 -7.73
CA GLY A 116 12.40 -15.23 -7.57
C GLY A 116 13.36 -14.41 -8.41
N ASP A 117 14.20 -15.05 -9.22
CA ASP A 117 15.17 -14.34 -10.04
C ASP A 117 14.51 -13.87 -11.34
N VAL A 118 14.63 -12.58 -11.63
CA VAL A 118 14.38 -12.07 -12.97
C VAL A 118 15.64 -12.31 -13.80
N ILE A 119 15.48 -13.01 -14.92
CA ILE A 119 16.61 -13.32 -15.80
C ILE A 119 16.65 -12.26 -16.90
N ILE A 120 17.72 -11.49 -16.94
CA ILE A 120 17.88 -10.45 -17.95
C ILE A 120 19.08 -10.78 -18.84
N PRO A 121 18.85 -11.22 -20.07
CA PRO A 121 19.98 -11.41 -21.00
C PRO A 121 20.72 -10.11 -21.21
N LEU A 122 22.05 -10.18 -21.10
CA LEU A 122 22.91 -9.01 -21.20
C LEU A 122 23.86 -9.19 -22.37
N SER A 123 23.74 -8.29 -23.36
CA SER A 123 24.66 -8.24 -24.49
C SER A 123 25.55 -7.03 -24.35
N GLN A 125 29.34 -5.05 -25.84
CA GLN A 125 30.39 -4.96 -26.83
C GLN A 125 31.23 -3.72 -26.57
N LEU A 126 32.53 -3.84 -26.84
CA LEU A 126 33.43 -2.70 -26.74
C LEU A 126 33.15 -1.73 -27.88
N ALA A 127 32.93 -0.46 -27.53
CA ALA A 127 32.68 0.56 -28.53
C ALA A 127 33.91 0.77 -29.40
N CYS A 128 33.69 0.98 -30.70
CA CYS A 128 34.78 1.21 -31.64
C CYS A 128 34.25 2.07 -32.78
N LEU A 129 35.07 2.23 -33.82
CA LEU A 129 34.75 3.06 -34.97
C LEU A 129 34.44 4.50 -34.55
N SER A 135 23.51 -2.22 -31.00
CA SER A 135 23.21 -1.20 -29.99
C SER A 135 21.70 -0.99 -29.77
N PRO A 136 20.92 -0.75 -30.83
CA PRO A 136 19.50 -0.43 -30.64
C PRO A 136 18.61 -1.66 -30.76
N PHE A 137 17.44 -1.55 -30.14
CA PHE A 137 16.42 -2.59 -30.20
C PHE A 137 15.52 -2.38 -31.40
N SER A 138 15.31 -3.45 -32.17
CA SER A 138 14.44 -3.45 -33.32
C SER A 138 13.18 -4.25 -33.00
N ILE A 139 12.15 -4.08 -33.84
CA ILE A 139 10.88 -4.76 -33.58
C ILE A 139 11.03 -6.27 -33.78
N SER A 140 11.97 -6.70 -34.63
CA SER A 140 12.20 -8.13 -34.79
C SER A 140 12.74 -8.74 -33.50
N GLU A 141 13.59 -8.00 -32.78
CA GLU A 141 14.09 -8.50 -31.51
C GLU A 141 12.98 -8.54 -30.46
N TYR A 142 12.13 -7.51 -30.42
CA TYR A 142 10.99 -7.53 -29.51
C TYR A 142 10.04 -8.67 -29.85
N TYR A 143 9.82 -8.91 -31.14
CA TYR A 143 8.88 -9.94 -31.57
C TYR A 143 9.34 -11.32 -31.13
N ASP A 144 10.62 -11.63 -31.34
CA ASP A 144 11.14 -12.93 -30.94
CA ASP A 144 11.15 -12.92 -30.94
C ASP A 144 11.08 -13.11 -29.43
N ALA A 145 11.33 -12.05 -28.67
CA ALA A 145 11.25 -12.15 -27.22
C ALA A 145 9.81 -12.43 -26.78
N PHE A 146 8.83 -11.80 -27.42
CA PHE A 146 7.44 -12.00 -27.03
C PHE A 146 6.94 -13.39 -27.42
N GLN A 147 7.40 -13.92 -28.55
CA GLN A 147 7.08 -15.31 -28.89
C GLN A 147 7.58 -16.26 -27.82
N THR A 148 8.82 -16.07 -27.37
CA THR A 148 9.35 -16.88 -26.28
C THR A 148 8.52 -16.70 -25.01
N LEU A 149 8.10 -15.47 -24.74
CA LEU A 149 7.29 -15.22 -23.54
C LEU A 149 5.97 -15.96 -23.60
N THR A 150 5.26 -15.86 -24.73
CA THR A 150 3.95 -16.51 -24.82
C THR A 150 4.07 -18.03 -24.91
N LYS A 151 5.17 -18.54 -25.47
CA LYS A 151 5.37 -19.98 -25.50
C LYS A 151 5.52 -20.54 -24.09
N ASN A 152 6.17 -19.80 -23.20
CA ASN A 152 6.27 -20.23 -21.81
C ASN A 152 4.91 -20.18 -21.13
N LEU A 153 4.12 -19.15 -21.41
CA LEU A 153 2.78 -19.07 -20.82
C LEU A 153 1.89 -20.21 -21.30
N LYS A 154 2.05 -20.65 -22.54
CA LYS A 154 1.23 -21.74 -23.06
C LYS A 154 1.63 -23.09 -22.47
N LEU A 155 2.91 -23.27 -22.19
CA LEU A 155 3.44 -24.60 -21.89
C LEU A 155 3.90 -24.80 -20.45
N SER A 156 3.97 -23.73 -19.65
CA SER A 156 4.47 -23.86 -18.29
C SER A 156 3.54 -24.72 -17.44
N CYS A 157 4.12 -25.49 -16.54
CA CYS A 157 3.37 -26.28 -15.57
C CYS A 157 3.56 -25.78 -14.14
N ASP A 158 4.18 -24.63 -13.96
CA ASP A 158 4.55 -24.13 -12.65
C ASP A 158 3.50 -23.16 -12.11
N SER A 159 3.68 -22.77 -10.85
CA SER A 159 2.80 -21.79 -10.22
C SER A 159 2.85 -20.46 -10.96
N VAL A 160 1.76 -19.69 -10.84
CA VAL A 160 1.69 -18.38 -11.47
C VAL A 160 2.83 -17.52 -10.95
N ASP A 161 3.55 -16.89 -11.88
CA ASP A 161 4.72 -16.05 -11.56
C ASP A 161 4.60 -14.76 -12.35
N ILE A 162 4.61 -13.63 -11.64
CA ILE A 162 4.55 -12.33 -12.30
C ILE A 162 5.74 -12.14 -13.23
N LYS A 163 6.88 -12.75 -12.91
CA LYS A 163 8.06 -12.65 -13.76
C LYS A 163 7.84 -13.26 -15.14
N ASP A 164 6.88 -14.16 -15.28
CA ASP A 164 6.57 -14.74 -16.59
C ASP A 164 5.80 -13.76 -17.48
N LEU A 166 6.69 -10.61 -18.25
CA LEU A 166 7.54 -9.62 -18.90
C LEU A 166 8.85 -10.27 -19.31
N SER A 167 9.43 -9.77 -20.41
CA SER A 167 10.73 -10.21 -20.89
C SER A 167 11.61 -8.97 -21.04
N LEU A 168 12.69 -8.92 -20.27
CA LEU A 168 13.54 -7.74 -20.17
C LEU A 168 14.94 -8.10 -20.66
N LYS A 169 15.53 -7.21 -21.48
CA LYS A 169 16.86 -7.41 -22.02
C LYS A 169 17.63 -6.10 -21.90
N ILE A 170 18.97 -6.21 -21.86
CA ILE A 170 19.84 -5.06 -21.75
C ILE A 170 20.96 -5.17 -22.78
N HIS A 171 21.20 -4.08 -23.51
CA HIS A 171 22.37 -3.92 -24.37
C HIS A 171 23.30 -2.89 -23.74
N ALA A 172 24.56 -3.24 -23.58
CA ALA A 172 25.55 -2.35 -22.97
C ALA A 172 26.72 -2.17 -23.91
N THR A 173 27.00 -0.93 -24.29
CA THR A 173 28.19 -0.60 -25.06
C THR A 173 29.16 0.13 -24.13
N TYR A 174 30.38 -0.39 -24.00
CA TYR A 174 31.34 0.14 -23.05
C TYR A 174 32.63 0.56 -23.75
N TYR A 175 33.39 1.39 -23.06
CA TYR A 175 34.68 1.85 -23.55
C TYR A 175 35.59 2.10 -22.35
N VAL A 176 36.87 1.73 -22.49
CA VAL A 176 37.87 1.96 -21.46
C VAL A 176 38.96 2.83 -22.04
N ASP A 177 39.27 3.93 -21.36
CA ASP A 177 40.46 4.72 -21.66
C ASP A 177 41.27 4.89 -20.38
N SER A 178 42.27 5.78 -20.41
CA SER A 178 43.15 5.92 -19.26
C SER A 178 42.41 6.48 -18.04
N ASP A 179 41.33 7.23 -18.26
CA ASP A 179 40.67 7.96 -17.18
C ASP A 179 39.52 7.20 -16.55
N GLU A 180 38.64 6.60 -17.37
CA GLU A 180 37.37 6.13 -16.85
C GLU A 180 36.87 4.97 -17.69
N ILE A 181 35.86 4.29 -17.15
CA ILE A 181 35.05 3.32 -17.88
C ILE A 181 33.72 3.98 -18.17
N SER A 182 33.32 4.01 -19.44
CA SER A 182 32.04 4.57 -19.86
C SER A 182 31.17 3.45 -20.42
N ILE A 183 29.89 3.47 -20.06
CA ILE A 183 28.95 2.43 -20.50
C ILE A 183 27.65 3.11 -20.93
N ASN A 184 27.16 2.76 -22.11
CA ASN A 184 25.81 3.12 -22.54
C ASN A 184 24.92 1.91 -22.31
N VAL A 185 23.97 2.05 -21.38
CA VAL A 185 23.07 0.96 -21.01
C VAL A 185 21.71 1.21 -21.64
N THR A 186 21.28 0.31 -22.51
CA THR A 186 19.94 0.34 -23.10
C THR A 186 19.16 -0.87 -22.61
N SER A 187 17.93 -0.63 -22.17
CA SER A 187 17.08 -1.69 -21.65
CA SER A 187 17.07 -1.68 -21.64
C SER A 187 15.78 -1.73 -22.44
N GLY A 188 15.38 -2.93 -22.84
CA GLY A 188 14.14 -3.11 -23.56
C GLY A 188 13.29 -4.19 -22.91
N VAL A 189 11.98 -4.01 -23.00
CA VAL A 189 11.02 -4.91 -22.37
C VAL A 189 9.86 -5.16 -23.31
N VAL A 190 9.26 -6.34 -23.20
CA VAL A 190 8.00 -6.65 -23.87
C VAL A 190 7.04 -7.22 -22.83
N VAL A 191 5.79 -6.75 -22.89
CA VAL A 191 4.74 -7.19 -21.98
CA VAL A 191 4.75 -7.24 -21.98
C VAL A 191 3.49 -7.48 -22.80
N PRO A 192 2.75 -8.56 -22.53
CA PRO A 192 1.47 -8.75 -23.22
C PRO A 192 0.55 -7.57 -22.96
N SER A 193 -0.13 -7.12 -24.01
CA SER A 193 -0.98 -5.95 -23.89
C SER A 193 -2.40 -6.28 -23.45
N ALA A 194 -2.79 -7.55 -23.47
CA ALA A 194 -4.19 -7.94 -23.22
C ALA A 194 -4.73 -7.31 -21.94
N LEU A 195 -5.87 -6.63 -22.08
CA LEU A 195 -6.63 -6.12 -20.94
C LEU A 195 -7.67 -7.15 -20.51
N ILE A 196 -7.71 -7.44 -19.22
CA ILE A 196 -8.75 -8.31 -18.65
C ILE A 196 -9.88 -7.43 -18.15
N THR A 197 -11.07 -7.62 -18.71
CA THR A 197 -12.27 -6.97 -18.20
C THR A 197 -12.82 -7.77 -17.02
N ALA A 198 -13.03 -7.10 -15.89
CA ALA A 198 -13.48 -7.75 -14.67
C ALA A 198 -14.76 -7.09 -14.17
N VAL A 199 -15.77 -7.89 -13.87
CA VAL A 199 -17.09 -7.42 -13.48
C VAL A 199 -17.42 -8.04 -12.13
N PRO A 200 -17.74 -7.25 -11.10
CA PRO A 200 -18.17 -7.85 -9.82
C PRO A 200 -19.53 -8.51 -9.99
N ILE A 201 -19.67 -9.71 -9.41
CA ILE A 201 -20.89 -10.50 -9.52
C ILE A 201 -21.30 -10.97 -8.12
N LEU A 202 -22.52 -11.51 -8.05
CA LEU A 202 -23.04 -12.04 -6.80
C LEU A 202 -22.27 -13.30 -6.38
N PRO A 203 -22.19 -13.57 -5.08
CA PRO A 203 -21.41 -14.73 -4.62
C PRO A 203 -22.01 -16.04 -5.13
N VAL A 204 -21.11 -17.00 -5.36
CA VAL A 204 -21.47 -18.32 -5.87
C VAL A 204 -21.08 -19.36 -4.83
N SER A 205 -21.92 -20.39 -4.70
CA SER A 205 -21.69 -21.44 -3.72
C SER A 205 -20.42 -22.22 -4.02
N ILE A 206 -19.62 -22.46 -2.98
CA ILE A 206 -18.38 -23.21 -3.08
C ILE A 206 -18.51 -24.46 -2.22
N VAL A 207 -18.20 -25.62 -2.80
CA VAL A 207 -18.18 -26.86 -2.03
C VAL A 207 -17.18 -26.73 -0.89
N PRO A 208 -17.58 -26.99 0.36
CA PRO A 208 -16.70 -26.73 1.51
C PRO A 208 -15.63 -27.81 1.71
N THR A 209 -14.78 -27.98 0.70
CA THR A 209 -13.63 -28.86 0.84
C THR A 209 -12.60 -28.24 1.78
N ALA A 210 -11.54 -29.00 2.08
CA ALA A 210 -10.53 -28.53 3.02
C ALA A 210 -9.83 -27.28 2.50
N LEU A 211 -9.57 -27.22 1.20
CA LEU A 211 -8.94 -26.02 0.62
C LEU A 211 -9.85 -24.81 0.72
N ALA A 212 -11.14 -24.98 0.39
CA ALA A 212 -12.09 -23.89 0.51
C ALA A 212 -12.22 -23.42 1.95
N ARG A 213 -12.15 -24.33 2.91
CA ARG A 213 -12.30 -23.96 4.31
C ARG A 213 -11.07 -23.21 4.82
N SER A 214 -9.88 -23.59 4.35
CA SER A 214 -8.68 -22.90 4.80
C SER A 214 -8.54 -21.51 4.18
N LEU A 215 -9.08 -21.33 2.97
CA LEU A 215 -9.01 -20.02 2.33
C LEU A 215 -9.97 -19.02 2.97
N SER A 216 -11.17 -19.47 3.33
CA SER A 216 -12.11 -18.61 4.02
C SER A 216 -11.85 -18.55 5.53
N GLY A 217 -10.88 -19.31 6.04
CA GLY A 217 -10.59 -19.33 7.44
C GLY A 217 -9.84 -18.09 7.89
N PRO A 218 -9.59 -18.01 9.20
CA PRO A 218 -8.98 -16.79 9.76
C PRO A 218 -7.56 -16.53 9.29
N LEU A 219 -6.84 -17.55 8.82
CA LEU A 219 -5.44 -17.35 8.46
C LEU A 219 -5.24 -16.58 7.16
N HIS A 220 -6.28 -16.47 6.33
CA HIS A 220 -6.12 -15.70 5.10
C HIS A 220 -6.08 -14.20 5.35
N LEU A 221 -6.22 -13.76 6.60
CA LEU A 221 -6.14 -12.36 6.98
C LEU A 221 -4.72 -12.09 7.48
N SER A 222 -3.88 -11.56 6.60
CA SER A 222 -2.52 -11.16 6.96
C SER A 222 -2.21 -9.79 6.40
N ASN A 223 -0.93 -9.40 6.41
CA ASN A 223 -0.51 -8.13 5.83
C ASN A 223 0.89 -8.22 5.24
N PHE A 224 1.28 -9.38 4.73
CA PHE A 224 2.61 -9.57 4.18
C PHE A 224 2.61 -9.39 2.67
N GLN A 225 3.74 -8.91 2.16
CA GLN A 225 3.91 -8.70 0.73
C GLN A 225 4.41 -9.97 0.06
N ASP A 226 3.98 -10.17 -1.18
CA ASP A 226 4.42 -11.30 -2.01
C ASP A 226 4.09 -12.64 -1.36
N THR A 227 2.93 -12.72 -0.71
CA THR A 227 2.39 -13.97 -0.22
C THR A 227 1.19 -14.41 -1.06
N GLN A 228 1.29 -14.23 -2.37
CA GLN A 228 0.22 -14.62 -3.26
C GLN A 228 0.28 -16.11 -3.56
N LYS A 229 -0.89 -16.73 -3.63
CA LYS A 229 -1.03 -18.06 -4.20
C LYS A 229 -2.32 -18.11 -4.98
N SER A 230 -2.39 -19.06 -5.91
CA SER A 230 -3.56 -19.15 -6.77
C SER A 230 -3.79 -20.60 -7.15
N GLY A 231 -4.99 -20.86 -7.66
CA GLY A 231 -5.36 -22.18 -8.14
C GLY A 231 -6.44 -22.06 -9.18
N TYR A 232 -7.19 -23.13 -9.39
CA TYR A 232 -8.19 -23.17 -10.43
C TYR A 232 -9.52 -23.63 -9.85
N VAL A 233 -10.59 -23.31 -10.58
CA VAL A 233 -11.96 -23.55 -10.12
C VAL A 233 -12.60 -24.56 -11.05
N ALA A 234 -13.04 -25.67 -10.48
CA ALA A 234 -13.80 -26.67 -11.20
C ALA A 234 -15.28 -26.57 -10.80
N ILE A 235 -16.11 -27.36 -11.45
CA ILE A 235 -17.55 -27.31 -11.23
C ILE A 235 -18.11 -28.73 -11.32
N ASN A 236 -19.11 -29.03 -10.48
CA ASN A 236 -19.71 -30.35 -10.42
C ASN A 236 -21.11 -30.33 -11.04
N ASN A 237 -21.80 -31.47 -10.93
CA ASN A 237 -23.10 -31.62 -11.57
C ASN A 237 -24.13 -30.65 -10.98
N SER A 238 -24.03 -30.33 -9.70
CA SER A 238 -24.94 -29.38 -9.06
C SER A 238 -24.58 -27.93 -9.36
N HIS A 239 -23.66 -27.69 -10.29
CA HIS A 239 -23.21 -26.34 -10.64
C HIS A 239 -22.63 -25.62 -9.43
N ASN A 240 -21.90 -26.36 -8.60
CA ASN A 240 -21.17 -25.79 -7.48
C ASN A 240 -19.68 -25.77 -7.79
N LEU A 241 -18.99 -24.78 -7.24
CA LEU A 241 -17.58 -24.56 -7.52
C LEU A 241 -16.71 -25.42 -6.62
N LEU A 242 -15.69 -26.02 -7.23
CA LEU A 242 -14.69 -26.80 -6.51
C LEU A 242 -13.33 -26.14 -6.71
N LEU A 243 -12.65 -25.84 -5.61
CA LEU A 243 -11.33 -25.21 -5.68
C LEU A 243 -10.26 -26.26 -5.81
N VAL A 244 -9.27 -25.99 -6.65
CA VAL A 244 -8.22 -26.95 -6.99
C VAL A 244 -6.86 -26.30 -6.82
N LEU A 245 -5.92 -27.05 -6.27
CA LEU A 245 -4.54 -26.57 -6.17
C LEU A 245 -3.91 -26.47 -7.54
N ASP A 246 -2.95 -25.54 -7.68
CA ASP A 246 -2.29 -25.34 -8.97
C ASP A 246 -1.36 -26.49 -9.33
N SER A 247 -1.14 -27.44 -8.42
CA SER A 247 -0.27 -28.58 -8.66
C SER A 247 -1.02 -29.88 -8.87
N ASP A 248 -2.35 -29.86 -8.83
CA ASP A 248 -3.15 -31.06 -8.98
C ASP A 248 -3.02 -31.59 -10.41
N PRO A 249 -2.52 -32.81 -10.61
CA PRO A 249 -2.36 -33.33 -11.98
C PRO A 249 -3.67 -33.47 -12.73
N LYS A 250 -4.82 -33.53 -12.03
CA LYS A 250 -6.12 -33.59 -12.70
C LYS A 250 -6.44 -32.31 -13.48
N LEU A 251 -5.68 -31.23 -13.27
CA LEU A 251 -5.95 -29.96 -13.94
C LEU A 251 -5.91 -30.09 -15.47
N SER A 252 -5.25 -31.11 -16.00
CA SER A 252 -5.10 -31.20 -17.45
C SER A 252 -6.42 -31.50 -18.15
N SER A 253 -7.37 -32.16 -17.48
CA SER A 253 -8.63 -32.48 -18.14
C SER A 253 -9.88 -32.27 -17.28
N ILE A 254 -9.73 -31.91 -16.01
CA ILE A 254 -10.92 -31.58 -15.21
C ILE A 254 -11.61 -30.36 -15.81
N PRO A 255 -12.95 -30.30 -15.83
CA PRO A 255 -13.63 -29.12 -16.40
C PRO A 255 -13.43 -27.89 -15.53
N LEU A 256 -12.77 -26.87 -16.08
CA LEU A 256 -12.41 -25.67 -15.35
C LEU A 256 -13.25 -24.49 -15.82
N VAL A 257 -13.63 -23.62 -14.88
CA VAL A 257 -14.44 -22.45 -15.16
C VAL A 257 -13.79 -21.16 -14.71
N GLY A 258 -12.58 -21.21 -14.17
CA GLY A 258 -11.93 -19.99 -13.72
C GLY A 258 -10.81 -20.30 -12.73
N ILE A 259 -10.53 -19.32 -11.89
CA ILE A 259 -9.38 -19.34 -10.99
C ILE A 259 -9.78 -18.78 -9.64
N TRP A 260 -8.95 -19.08 -8.64
CA TRP A 260 -9.01 -18.40 -7.35
C TRP A 260 -7.64 -17.81 -7.04
N VAL A 261 -7.64 -16.68 -6.34
CA VAL A 261 -6.41 -15.97 -5.99
C VAL A 261 -6.48 -15.56 -4.52
N ASP A 262 -5.38 -15.73 -3.81
CA ASP A 262 -5.29 -15.42 -2.39
C ASP A 262 -4.07 -14.54 -2.14
N GLY A 263 -4.16 -13.71 -1.10
CA GLY A 263 -3.01 -12.97 -0.64
C GLY A 263 -2.75 -11.62 -1.28
N VAL A 264 -3.78 -10.99 -1.84
CA VAL A 264 -3.66 -9.65 -2.40
C VAL A 264 -4.62 -8.73 -1.66
N ILE A 265 -4.41 -7.42 -1.81
CA ILE A 265 -5.27 -6.44 -1.16
C ILE A 265 -6.51 -6.16 -2.00
N SER A 266 -6.36 -6.10 -3.33
CA SER A 266 -7.48 -5.82 -4.20
C SER A 266 -7.27 -6.54 -5.53
N ILE A 267 -8.24 -6.38 -6.43
CA ILE A 267 -8.15 -6.99 -7.75
C ILE A 267 -7.12 -6.29 -8.64
N HIS A 268 -6.66 -5.10 -8.24
CA HIS A 268 -5.70 -4.36 -9.04
C HIS A 268 -4.27 -4.86 -8.89
N HIS A 269 -4.02 -5.78 -7.97
CA HIS A 269 -2.68 -6.33 -7.82
C HIS A 269 -2.28 -7.03 -9.12
N PRO A 270 -1.08 -6.75 -9.66
CA PRO A 270 -0.69 -7.37 -10.94
C PRO A 270 -0.65 -8.89 -10.90
N TYR A 271 -0.57 -9.49 -9.71
CA TYR A 271 -0.62 -10.95 -9.63
C TYR A 271 -1.96 -11.50 -10.09
N VAL A 272 -3.05 -10.76 -9.87
CA VAL A 272 -4.37 -11.21 -10.30
C VAL A 272 -4.44 -11.27 -11.82
N TRP A 273 -4.02 -10.21 -12.49
CA TRP A 273 -3.94 -10.21 -13.95
C TRP A 273 -3.03 -11.33 -14.44
N SER A 274 -1.93 -11.59 -13.73
CA SER A 274 -1.01 -12.64 -14.13
C SER A 274 -1.68 -14.01 -14.07
N ALA A 275 -2.50 -14.25 -13.04
CA ALA A 275 -3.22 -15.50 -12.96
C ALA A 275 -4.25 -15.62 -14.08
N CYS A 276 -4.96 -14.53 -14.39
CA CYS A 276 -5.91 -14.54 -15.48
C CYS A 276 -5.22 -14.87 -16.81
N ARG A 278 -2.35 -16.40 -17.29
CA ARG A 278 -1.90 -17.78 -17.23
C ARG A 278 -3.03 -18.76 -17.53
N TYR A 279 -4.21 -18.49 -16.97
CA TYR A 279 -5.37 -19.36 -17.25
C TYR A 279 -5.77 -19.29 -18.71
N LEU A 280 -5.79 -18.09 -19.28
CA LEU A 280 -6.21 -17.93 -20.68
C LEU A 280 -5.21 -18.57 -21.64
N TYR A 281 -3.91 -18.44 -21.34
CA TYR A 281 -2.89 -18.89 -22.29
C TYR A 281 -2.61 -20.39 -22.19
N SER A 282 -2.76 -20.98 -21.01
CA SER A 282 -2.26 -22.33 -20.77
C SER A 282 -2.91 -23.33 -21.72
N GLN A 283 -2.06 -24.09 -22.42
CA GLN A 283 -2.52 -25.23 -23.19
C GLN A 283 -2.31 -26.55 -22.44
N ARG A 284 -1.83 -26.48 -21.20
CA ARG A 284 -1.83 -27.65 -20.31
C ARG A 284 -3.20 -27.92 -19.73
N LEU A 285 -4.08 -26.92 -19.71
CA LEU A 285 -5.47 -27.07 -19.27
C LEU A 285 -6.33 -27.25 -20.51
N THR A 286 -6.74 -28.48 -20.79
CA THR A 286 -7.43 -28.79 -22.04
C THR A 286 -8.95 -28.75 -21.92
N ASN A 287 -9.50 -28.52 -20.73
CA ASN A 287 -10.95 -28.58 -20.53
C ASN A 287 -11.46 -27.31 -19.86
N LYS A 288 -11.06 -26.15 -20.40
CA LYS A 288 -11.51 -24.85 -19.90
C LYS A 288 -12.84 -24.53 -20.54
N ILE A 289 -13.93 -25.03 -19.93
CA ILE A 289 -15.26 -24.84 -20.49
C ILE A 289 -15.78 -23.42 -20.31
N ARG A 290 -15.13 -22.62 -19.48
CA ARG A 290 -15.34 -21.19 -19.43
C ARG A 290 -13.99 -20.51 -19.60
N ASP A 291 -13.91 -19.56 -20.53
CA ASP A 291 -12.63 -18.96 -20.89
C ASP A 291 -12.85 -17.47 -21.12
N GLY A 292 -11.93 -16.84 -21.86
CA GLY A 292 -11.99 -15.40 -22.04
C GLY A 292 -13.16 -14.92 -22.88
N SER A 293 -13.67 -15.79 -23.76
CA SER A 293 -14.78 -15.41 -24.62
C SER A 293 -16.12 -15.52 -23.91
N THR A 294 -16.31 -16.57 -23.12
CA THR A 294 -17.54 -16.75 -22.36
C THR A 294 -17.56 -15.96 -21.06
N GLY A 295 -16.39 -15.51 -20.59
CA GLY A 295 -16.28 -14.99 -19.25
C GLY A 295 -15.98 -16.13 -18.29
N PHE A 296 -15.02 -15.94 -17.40
CA PHE A 296 -14.67 -16.96 -16.42
C PHE A 296 -14.67 -16.33 -15.04
N ILE A 297 -14.74 -17.18 -14.03
CA ILE A 297 -14.96 -16.71 -12.68
C ILE A 297 -13.62 -16.55 -11.97
N LEU A 298 -13.55 -15.54 -11.11
CA LEU A 298 -12.42 -15.32 -10.23
C LEU A 298 -12.95 -15.25 -8.81
N VAL A 299 -12.50 -16.17 -7.96
CA VAL A 299 -12.80 -16.15 -6.53
C VAL A 299 -11.60 -15.51 -5.85
N LEU A 300 -11.78 -14.28 -5.37
CA LEU A 300 -10.68 -13.46 -4.89
C LEU A 300 -10.72 -13.38 -3.37
N TYR A 301 -9.75 -14.01 -2.71
CA TYR A 301 -9.61 -13.95 -1.26
C TYR A 301 -8.65 -12.81 -0.92
N THR A 302 -9.21 -11.63 -0.67
CA THR A 302 -8.36 -10.50 -0.32
C THR A 302 -7.95 -10.59 1.15
N GLN A 303 -6.83 -9.93 1.46
CA GLN A 303 -6.29 -9.91 2.81
C GLN A 303 -7.03 -8.94 3.72
N THR A 304 -7.90 -8.08 3.18
CA THR A 304 -8.54 -7.04 3.96
C THR A 304 -10.02 -7.30 4.22
N ARG A 305 -10.57 -8.42 3.74
CA ARG A 305 -11.98 -8.72 3.91
C ARG A 305 -12.17 -10.16 4.37
N PRO A 306 -13.18 -10.42 5.20
CA PRO A 306 -13.35 -11.78 5.73
C PRO A 306 -13.88 -12.78 4.70
N LYS A 307 -14.67 -12.31 3.74
CA LYS A 307 -15.24 -13.18 2.73
C LYS A 307 -14.67 -12.87 1.35
N PRO A 308 -14.60 -13.86 0.47
CA PRO A 308 -14.02 -13.62 -0.86
C PRO A 308 -14.93 -12.78 -1.74
N GLU A 309 -14.31 -12.13 -2.72
CA GLU A 309 -15.02 -11.40 -3.75
C GLU A 309 -15.13 -12.26 -5.01
N PHE A 310 -16.25 -12.11 -5.71
CA PHE A 310 -16.52 -12.86 -6.93
C PHE A 310 -16.54 -11.91 -8.12
N TRP A 311 -15.80 -12.27 -9.17
CA TRP A 311 -15.71 -11.49 -10.39
C TRP A 311 -15.88 -12.39 -11.60
N GLU A 312 -16.51 -11.85 -12.64
CA GLU A 312 -16.51 -12.49 -13.96
C GLU A 312 -15.50 -11.76 -14.83
N CYS A 313 -14.47 -12.48 -15.28
CA CYS A 313 -13.41 -11.91 -16.09
C CYS A 313 -13.55 -12.35 -17.53
N SER A 314 -13.21 -11.46 -18.45
CA SER A 314 -13.30 -11.76 -19.88
C SER A 314 -12.17 -11.07 -20.62
N PHE A 315 -11.81 -11.64 -21.76
CA PHE A 315 -10.89 -11.02 -22.69
C PHE A 315 -11.35 -11.33 -24.11
N SER A 316 -11.28 -10.33 -24.98
CA SER A 316 -11.77 -10.48 -26.34
C SER A 316 -10.89 -9.85 -27.41
N GLY A 317 -9.82 -9.13 -27.04
CA GLY A 317 -8.98 -8.45 -27.99
C GLY A 317 -8.00 -9.35 -28.70
N LYS A 318 -6.85 -8.77 -29.09
CA LYS A 318 -5.84 -9.48 -29.86
C LYS A 318 -4.93 -10.26 -28.91
N SER A 319 -4.76 -11.55 -29.19
CA SER A 319 -4.05 -12.44 -28.28
C SER A 319 -2.54 -12.27 -28.34
N ASP A 320 -1.98 -11.96 -29.51
CA ASP A 320 -0.54 -11.89 -29.69
C ASP A 320 -0.02 -10.46 -29.83
N LYS A 321 -0.76 -9.49 -29.32
CA LYS A 321 -0.32 -8.10 -29.30
C LYS A 321 0.46 -7.82 -28.03
N PHE A 322 1.52 -7.02 -28.15
CA PHE A 322 2.39 -6.75 -27.01
C PHE A 322 2.75 -5.28 -26.94
N LEU A 323 2.98 -4.82 -25.70
CA LEU A 323 3.58 -3.52 -25.46
C LEU A 323 5.10 -3.67 -25.44
N TYR A 324 5.79 -2.62 -25.84
CA TYR A 324 7.25 -2.64 -25.82
C TYR A 324 7.78 -1.22 -25.90
N CYS A 325 8.98 -1.02 -25.35
CA CYS A 325 9.73 0.21 -25.54
C CYS A 325 11.12 0.05 -24.97
N GLN A 326 11.97 1.06 -25.11
CA GLN A 326 13.31 1.00 -24.57
C GLN A 326 13.65 2.30 -23.87
N ALA A 327 14.65 2.23 -23.00
CA ALA A 327 15.20 3.39 -22.33
C ALA A 327 16.71 3.21 -22.23
N SER A 328 17.44 4.33 -22.21
CA SER A 328 18.88 4.26 -22.18
C SER A 328 19.45 5.45 -21.42
N ASP A 329 20.63 5.24 -20.87
CA ASP A 329 21.35 6.30 -20.17
C ASP A 329 22.82 5.91 -20.11
N ASP A 330 23.67 6.92 -19.99
CA ASP A 330 25.10 6.70 -19.86
C ASP A 330 25.49 6.67 -18.39
N ILE A 331 26.51 5.89 -18.08
CA ILE A 331 27.17 5.91 -16.77
C ILE A 331 28.66 6.03 -16.99
N PHE A 332 29.33 6.81 -16.15
CA PHE A 332 30.76 7.00 -16.21
C PHE A 332 31.37 6.55 -14.90
N GLU A 334 34.81 5.57 -12.47
CA GLU A 334 36.24 5.63 -12.20
C GLU A 334 36.85 4.23 -12.34
N LYS A 335 38.12 4.20 -12.73
CA LYS A 335 38.85 2.93 -12.78
C LYS A 335 38.81 2.23 -11.43
N VAL A 336 39.05 2.98 -10.36
CA VAL A 336 39.06 2.44 -9.00
C VAL A 336 37.65 2.46 -8.45
N ALA A 337 37.16 1.29 -8.04
CA ALA A 337 35.80 1.19 -7.53
C ALA A 337 35.68 1.85 -6.15
N LYS A 338 34.56 2.53 -5.93
CA LYS A 338 34.22 3.08 -4.63
C LYS A 338 33.15 2.20 -3.99
N THR A 339 33.34 1.91 -2.69
CA THR A 339 32.41 1.05 -1.96
C THR A 339 31.17 1.86 -1.57
N ARG A 340 30.38 2.19 -2.58
CA ARG A 340 29.11 2.87 -2.42
C ARG A 340 28.01 2.00 -3.01
N ASN A 341 26.77 2.43 -2.80
CA ASN A 341 25.65 1.72 -3.40
C ASN A 341 25.02 2.57 -4.50
N GLU A 342 25.86 3.10 -5.39
CA GLU A 342 25.35 3.87 -6.51
C GLU A 342 24.57 2.96 -7.45
N TYR A 343 23.53 3.51 -8.06
CA TYR A 343 22.72 2.71 -8.98
C TYR A 343 22.20 3.62 -10.09
N ARG A 345 18.70 4.32 -12.52
CA ARG A 345 17.27 4.11 -12.65
C ARG A 345 16.83 4.42 -14.07
N LEU A 346 16.13 3.47 -14.68
CA LEU A 346 15.51 3.64 -15.99
C LEU A 346 14.00 3.53 -15.86
N GLN A 347 13.29 4.38 -16.58
CA GLN A 347 11.83 4.41 -16.59
C GLN A 347 11.33 3.93 -17.95
N LEU A 348 10.46 2.93 -17.94
CA LEU A 348 9.92 2.36 -19.18
C LEU A 348 8.40 2.43 -19.14
N VAL A 349 7.83 3.25 -20.02
CA VAL A 349 6.38 3.32 -20.20
C VAL A 349 6.08 2.84 -21.61
N PRO A 350 5.99 1.53 -21.84
CA PRO A 350 5.85 1.01 -23.21
C PRO A 350 4.42 1.10 -23.71
N ASN A 351 4.29 1.11 -25.03
CA ASN A 351 2.97 1.09 -25.65
C ASN A 351 2.98 0.18 -26.88
N GLU A 352 1.82 0.09 -27.52
CA GLU A 352 1.64 -0.74 -28.70
C GLU A 352 2.55 -0.31 -29.84
N PHE A 353 2.95 0.96 -29.86
CA PHE A 353 3.73 1.52 -30.95
C PHE A 353 5.22 1.61 -30.65
N GLY A 354 5.66 1.14 -29.49
CA GLY A 354 7.08 1.12 -29.17
C GLY A 354 7.63 2.42 -28.63
N GLU A 355 6.77 3.36 -28.23
CA GLU A 355 7.21 4.63 -27.70
C GLU A 355 7.25 4.57 -26.18
N ASN A 356 8.33 5.10 -25.61
CA ASN A 356 8.42 5.26 -24.16
C ASN A 356 7.72 6.56 -23.78
N LEU A 357 6.54 6.45 -23.17
CA LEU A 357 5.74 7.62 -22.83
C LEU A 357 6.08 8.15 -21.44
N TYR A 358 7.37 8.38 -21.20
CA TYR A 358 7.85 8.94 -19.94
C TYR A 358 8.45 10.31 -20.21
N PHE A 359 8.06 11.29 -19.39
CA PHE A 359 8.49 12.67 -19.57
C PHE A 359 9.02 13.20 -18.24
N GLN A 360 10.32 13.48 -18.20
CA GLN A 360 10.97 13.93 -16.98
C GLN A 360 11.06 15.46 -16.93
N LYS B 16 12.00 20.73 -9.24
CA LYS B 16 13.33 20.23 -8.92
C LYS B 16 14.05 21.14 -7.93
N LEU B 17 13.49 21.26 -6.74
CA LEU B 17 14.07 22.08 -5.68
C LEU B 17 15.04 21.30 -4.80
N TRP B 18 15.09 19.98 -4.95
CA TRP B 18 16.08 19.14 -4.27
C TRP B 18 16.24 17.87 -5.09
N ASP B 19 17.18 17.02 -4.66
CA ASP B 19 17.44 15.75 -5.34
C ASP B 19 16.50 14.68 -4.78
N SER B 20 15.62 14.16 -5.63
CA SER B 20 14.61 13.20 -5.24
C SER B 20 15.06 11.76 -5.40
N LYS B 21 16.28 11.52 -5.88
CA LYS B 21 16.72 10.16 -6.17
C LYS B 21 16.71 9.32 -4.90
N ALA B 22 16.02 8.18 -4.97
CA ALA B 22 15.85 7.31 -3.82
C ALA B 22 17.20 6.82 -3.30
N GLN B 23 17.38 6.92 -1.99
CA GLN B 23 18.59 6.47 -1.32
C GLN B 23 18.36 5.23 -0.46
N GLY B 24 17.15 4.65 -0.54
CA GLY B 24 16.86 3.47 0.24
C GLY B 24 15.48 2.95 -0.11
N GLU B 25 15.01 2.02 0.72
CA GLU B 25 13.72 1.39 0.46
C GLU B 25 12.57 2.33 0.78
N GLN B 26 11.51 2.22 -0.02
CA GLN B 26 10.29 2.98 0.23
C GLN B 26 9.62 2.50 1.50
N GLU B 27 9.04 3.44 2.26
CA GLU B 27 8.30 3.13 3.46
C GLU B 27 6.86 3.60 3.30
N GLU B 28 5.93 2.82 3.86
CA GLU B 28 4.52 3.14 3.84
C GLU B 28 4.06 3.49 5.24
N LEU B 29 3.42 4.63 5.40
CA LEU B 29 3.04 5.15 6.70
C LEU B 29 1.52 5.17 6.84
N HIS B 30 1.05 4.87 8.04
CA HIS B 30 -0.37 5.01 8.37
C HIS B 30 -0.52 5.08 9.88
N LEU B 31 -1.66 5.63 10.31
CA LEU B 31 -1.93 5.83 11.73
C LEU B 31 -1.76 4.55 12.53
N LEU B 32 -2.29 3.44 12.02
CA LEU B 32 -2.39 2.21 12.79
C LEU B 32 -1.39 1.15 12.34
N LYS B 33 -0.43 1.49 11.48
CA LYS B 33 0.48 0.47 10.96
C LYS B 33 1.35 -0.09 12.07
N GLY B 34 1.89 0.77 12.94
CA GLY B 34 2.65 0.28 14.08
C GLY B 34 1.83 -0.50 15.08
N SER B 35 0.52 -0.26 15.13
CA SER B 35 -0.39 -0.94 16.04
C SER B 35 -1.04 -2.16 15.40
N ASP B 36 -0.45 -2.69 14.32
CA ASP B 36 -1.00 -3.84 13.59
C ASP B 36 -2.44 -3.60 13.15
N CYS B 37 -2.72 -2.37 12.70
CA CYS B 37 -4.02 -1.98 12.17
C CYS B 37 -5.13 -2.09 13.22
N ASN B 38 -4.77 -2.10 14.49
CA ASN B 38 -5.70 -2.33 15.59
C ASN B 38 -5.81 -1.07 16.44
N LEU B 39 -7.04 -0.63 16.69
CA LEU B 39 -7.34 0.42 17.65
C LEU B 39 -8.11 -0.20 18.81
N THR B 40 -7.61 -0.02 20.03
CA THR B 40 -8.18 -0.64 21.22
C THR B 40 -8.84 0.43 22.09
N ILE B 41 -10.04 0.13 22.58
CA ILE B 41 -10.84 1.04 23.39
C ILE B 41 -11.05 0.42 24.76
N ASP B 42 -10.67 1.15 25.81
CA ASP B 42 -10.95 0.76 27.19
C ASP B 42 -11.92 1.76 27.80
N ILE B 43 -13.02 1.27 28.37
CA ILE B 43 -14.08 2.10 28.93
C ILE B 43 -14.35 1.62 30.35
N THR B 44 -14.26 2.52 31.32
CA THR B 44 -14.48 2.14 32.71
C THR B 44 -15.97 1.91 32.96
N GLU B 45 -16.25 0.96 33.86
CA GLU B 45 -17.63 0.74 34.29
C GLU B 45 -18.19 1.98 34.96
N LYS B 46 -17.34 2.74 35.66
CA LYS B 46 -17.82 3.91 36.40
C LYS B 46 -18.41 4.97 35.48
N CYS B 47 -17.72 5.29 34.37
CA CYS B 47 -18.25 6.33 33.49
C CYS B 47 -19.48 5.85 32.75
N LEU B 48 -19.60 4.53 32.52
CA LEU B 48 -20.84 4.00 31.95
C LEU B 48 -21.98 4.05 32.96
N ARG B 49 -21.69 3.75 34.23
CA ARG B 49 -22.72 3.84 35.26
C ARG B 49 -23.23 5.27 35.40
N LEU B 50 -22.32 6.23 35.42
CA LEU B 50 -22.71 7.64 35.48
C LEU B 50 -23.51 8.05 34.25
N ALA B 51 -23.10 7.57 33.07
CA ALA B 51 -23.82 7.89 31.84
C ALA B 51 -25.24 7.34 31.89
N GLN B 52 -25.39 6.08 32.27
CA GLN B 52 -26.72 5.48 32.35
C GLN B 52 -27.58 6.19 33.39
N ARG B 53 -26.99 6.55 34.53
CA ARG B 53 -27.72 7.27 35.56
C ARG B 53 -28.30 8.57 35.03
N SER B 54 -27.49 9.32 34.27
CA SER B 54 -27.97 10.57 33.69
C SER B 54 -28.98 10.33 32.58
N ALA B 55 -28.80 9.26 31.80
CA ALA B 55 -29.69 9.01 30.67
C ALA B 55 -31.10 8.65 31.14
N TYR B 56 -31.21 7.82 32.18
CA TYR B 56 -32.51 7.39 32.65
C TYR B 56 -33.29 8.53 33.30
N GLN B 57 -32.58 9.42 34.01
CA GLN B 57 -33.22 10.64 34.52
C GLN B 57 -33.84 11.44 33.38
N LEU B 58 -33.06 11.69 32.33
CA LEU B 58 -33.55 12.45 31.18
C LEU B 58 -34.68 11.72 30.47
N HIS B 59 -34.62 10.38 30.42
CA HIS B 59 -35.67 9.61 29.76
C HIS B 59 -37.01 9.79 30.45
N THR B 60 -37.05 9.60 31.77
CA THR B 60 -38.32 9.64 32.49
C THR B 60 -38.94 11.02 32.55
N GLU B 61 -38.18 12.07 32.27
CA GLU B 61 -38.70 13.44 32.28
C GLU B 61 -38.96 13.98 30.88
N THR B 62 -38.66 13.21 29.84
CA THR B 62 -38.85 13.65 28.46
C THR B 62 -40.22 13.18 27.98
N SER B 63 -41.12 14.14 27.73
CA SER B 63 -42.44 13.83 27.21
C SER B 63 -42.44 13.57 25.72
N ALA B 64 -41.30 13.76 25.05
CA ALA B 64 -41.25 13.65 23.60
C ALA B 64 -41.56 12.23 23.14
N THR B 65 -41.77 12.10 21.83
CA THR B 65 -42.23 10.86 21.21
C THR B 65 -41.29 9.69 21.52
N LYS B 66 -40.09 9.70 20.95
CA LYS B 66 -39.06 8.74 21.28
C LYS B 66 -37.83 9.47 21.78
N ARG B 67 -37.11 8.83 22.69
CA ARG B 67 -36.12 9.50 23.52
C ARG B 67 -34.73 8.92 23.28
N ILE B 68 -33.86 9.74 22.70
CA ILE B 68 -32.45 9.41 22.53
C ILE B 68 -31.66 10.45 23.32
N GLN B 69 -30.95 10.01 24.35
CA GLN B 69 -30.17 10.90 25.19
C GLN B 69 -28.76 11.04 24.62
N LYS B 70 -28.31 12.28 24.43
CA LYS B 70 -27.05 12.58 23.78
C LYS B 70 -26.10 13.25 24.77
N PHE B 71 -24.97 12.60 25.05
CA PHE B 71 -23.99 13.12 25.99
C PHE B 71 -22.61 13.02 25.33
N PHE B 72 -21.58 12.99 26.17
CA PHE B 72 -20.21 12.83 25.71
C PHE B 72 -19.46 11.94 26.69
N LEU B 73 -18.57 11.13 26.16
CA LEU B 73 -17.52 10.51 26.95
C LEU B 73 -16.20 11.18 26.60
N LEU B 74 -15.27 11.19 27.57
CA LEU B 74 -13.99 11.85 27.40
C LEU B 74 -12.88 10.84 27.68
N GLY B 75 -11.87 10.84 26.82
CA GLY B 75 -10.78 9.89 26.94
C GLY B 75 -9.45 10.50 26.57
N SER B 76 -8.42 9.66 26.61
CA SER B 76 -7.08 10.04 26.19
C SER B 76 -6.53 8.98 25.24
N LEU B 77 -5.67 9.40 24.33
CA LEU B 77 -5.00 8.51 23.40
C LEU B 77 -3.58 8.26 23.87
N ASN B 78 -3.16 7.00 23.84
CA ASN B 78 -1.85 6.63 24.33
C ASN B 78 -1.28 5.50 23.47
N ILE B 79 0.05 5.47 23.36
CA ILE B 79 0.79 4.42 22.67
C ILE B 79 1.58 3.66 23.72
N ASN B 80 1.30 2.37 23.88
CA ASN B 80 1.96 1.62 24.93
C ASN B 80 3.36 1.20 24.48
N LYS B 81 4.05 0.44 25.33
CA LYS B 81 5.43 0.06 25.06
C LYS B 81 5.56 -0.85 23.84
N ASP B 82 4.47 -1.46 23.38
CA ASP B 82 4.48 -2.33 22.21
C ASP B 82 3.87 -1.66 20.99
N ASP B 83 3.76 -0.33 21.00
CA ASP B 83 3.29 0.49 19.88
C ASP B 83 1.81 0.29 19.57
N ARG B 84 1.03 -0.22 20.52
CA ARG B 84 -0.41 -0.35 20.34
C ARG B 84 -1.09 0.98 20.67
N VAL B 85 -1.99 1.43 19.79
CA VAL B 85 -2.76 2.64 20.04
C VAL B 85 -3.98 2.28 20.87
N ILE B 86 -4.16 2.98 21.99
CA ILE B 86 -5.22 2.68 22.95
C ILE B 86 -5.92 3.98 23.33
N ILE B 87 -7.25 3.96 23.25
CA ILE B 87 -8.09 5.06 23.74
C ILE B 87 -8.63 4.66 25.11
N ASN B 88 -8.27 5.41 26.15
CA ASN B 88 -8.72 5.12 27.51
C ASN B 88 -9.83 6.10 27.87
N ILE B 89 -11.03 5.59 28.06
CA ILE B 89 -12.23 6.39 28.30
C ILE B 89 -12.68 6.20 29.73
N ASP B 90 -12.66 7.27 30.52
CA ASP B 90 -12.95 7.16 31.94
C ASP B 90 -13.84 8.26 32.50
N ARG B 91 -14.35 9.18 31.68
CA ARG B 91 -15.11 10.32 32.17
C ARG B 91 -16.41 10.47 31.40
N PHE B 92 -17.46 10.86 32.12
CA PHE B 92 -18.76 11.15 31.52
C PHE B 92 -19.04 12.64 31.61
N ASP B 93 -19.49 13.23 30.51
CA ASP B 93 -19.79 14.65 30.44
C ASP B 93 -21.18 14.81 29.81
N PRO B 94 -22.18 15.25 30.56
CA PRO B 94 -23.50 15.47 29.95
C PRO B 94 -23.51 16.55 28.89
N GLY B 95 -22.54 17.47 28.91
CA GLY B 95 -22.47 18.51 27.93
C GLY B 95 -23.41 19.67 28.26
N ARG B 96 -23.48 20.59 27.31
CA ARG B 96 -24.33 21.77 27.46
C ARG B 96 -24.86 22.15 26.07
N ILE B 97 -25.72 23.18 26.05
CA ILE B 97 -26.35 23.63 24.82
C ILE B 97 -26.00 25.11 24.62
N ILE B 98 -25.63 25.45 23.38
CA ILE B 98 -25.45 26.83 22.97
C ILE B 98 -26.61 27.17 22.04
N ASP B 99 -27.42 28.15 22.44
CA ASP B 99 -28.64 28.47 21.70
C ASP B 99 -28.48 29.79 20.94
N LEU B 107 -26.70 23.75 19.04
CA LEU B 107 -25.59 22.82 18.98
C LEU B 107 -25.30 22.21 20.35
N HIS B 108 -25.09 20.90 20.37
CA HIS B 108 -24.70 20.20 21.59
C HIS B 108 -23.17 20.12 21.65
N VAL B 109 -22.61 20.45 22.80
CA VAL B 109 -21.16 20.66 22.93
C VAL B 109 -20.72 20.18 24.31
N PRO B 110 -19.53 19.60 24.45
CA PRO B 110 -19.03 19.27 25.79
C PRO B 110 -18.99 20.50 26.68
N THR B 111 -19.03 20.25 28.00
CA THR B 111 -19.00 21.35 28.96
C THR B 111 -17.77 22.22 28.74
N ALA B 112 -16.60 21.62 28.68
CA ALA B 112 -15.36 22.31 28.36
C ALA B 112 -14.52 21.41 27.46
N VAL B 113 -13.92 22.02 26.44
CA VAL B 113 -13.02 21.31 25.54
C VAL B 113 -11.63 21.39 26.15
N ILE B 114 -11.19 20.31 26.78
CA ILE B 114 -9.89 20.24 27.44
C ILE B 114 -8.86 19.81 26.41
N PRO B 115 -7.74 20.53 26.28
CA PRO B 115 -6.74 20.16 25.27
C PRO B 115 -6.20 18.76 25.49
N GLY B 116 -6.16 17.98 24.39
CA GLY B 116 -5.72 16.60 24.44
C GLY B 116 -6.82 15.59 24.64
N ASP B 117 -8.01 16.02 25.07
CA ASP B 117 -9.10 15.10 25.36
C ASP B 117 -9.66 14.51 24.08
N VAL B 118 -9.85 13.20 24.07
CA VAL B 118 -10.59 12.53 23.01
C VAL B 118 -12.08 12.72 23.29
N ILE B 119 -12.78 13.37 22.36
CA ILE B 119 -14.21 13.62 22.53
C ILE B 119 -14.98 12.52 21.82
N ILE B 120 -15.76 11.76 22.59
CA ILE B 120 -16.57 10.66 22.04
C ILE B 120 -18.04 10.98 22.22
N PRO B 121 -18.77 11.35 21.16
CA PRO B 121 -20.22 11.54 21.28
C PRO B 121 -20.90 10.25 21.71
N LEU B 122 -21.86 10.39 22.63
CA LEU B 122 -22.53 9.25 23.24
C LEU B 122 -24.03 9.38 23.06
N SER B 123 -24.63 8.44 22.34
CA SER B 123 -26.07 8.36 22.15
C SER B 123 -26.61 7.17 22.92
N GLN B 125 -30.26 5.13 24.85
CA GLN B 125 -31.68 4.88 24.73
C GLN B 125 -32.06 3.70 25.62
N LEU B 126 -33.20 3.81 26.28
CA LEU B 126 -33.75 2.70 27.05
C LEU B 126 -34.34 1.66 26.10
N ALA B 127 -33.99 0.40 26.31
CA ALA B 127 -34.48 -0.68 25.47
C ALA B 127 -35.93 -1.00 25.78
N SER B 135 -29.49 0.74 14.46
CA SER B 135 -29.20 -0.23 15.52
C SER B 135 -27.68 -0.43 15.64
N PRO B 136 -26.98 -0.91 14.58
CA PRO B 136 -25.54 -0.60 14.51
C PRO B 136 -25.32 0.76 13.89
N PHE B 137 -24.05 1.10 13.65
CA PHE B 137 -23.75 2.30 12.88
C PHE B 137 -24.03 2.04 11.41
N SER B 138 -24.65 3.01 10.74
CA SER B 138 -24.84 2.96 9.31
C SER B 138 -23.82 3.85 8.61
N ILE B 139 -23.70 3.67 7.29
CA ILE B 139 -22.71 4.43 6.54
C ILE B 139 -22.99 5.92 6.61
N SER B 140 -24.26 6.31 6.72
CA SER B 140 -24.60 7.73 6.83
C SER B 140 -23.96 8.36 8.06
N GLU B 141 -23.99 7.63 9.19
CA GLU B 141 -23.35 8.16 10.40
C GLU B 141 -21.83 8.16 10.27
N TYR B 142 -21.25 7.11 9.69
CA TYR B 142 -19.81 7.08 9.45
C TYR B 142 -19.39 8.22 8.53
N TYR B 143 -20.12 8.41 7.44
CA TYR B 143 -19.77 9.44 6.46
C TYR B 143 -19.79 10.83 7.10
N ASP B 144 -20.83 11.12 7.88
CA ASP B 144 -20.89 12.41 8.56
CA ASP B 144 -20.89 12.41 8.56
C ASP B 144 -19.72 12.60 9.51
N ALA B 145 -19.37 11.55 10.27
CA ALA B 145 -18.25 11.65 11.19
C ALA B 145 -16.96 11.94 10.45
N PHE B 146 -16.75 11.32 9.29
CA PHE B 146 -15.52 11.56 8.55
C PHE B 146 -15.48 12.95 7.94
N GLN B 147 -16.63 13.48 7.51
CA GLN B 147 -16.66 14.84 6.97
C GLN B 147 -16.29 15.85 8.05
N THR B 148 -16.74 15.63 9.29
CA THR B 148 -16.36 16.51 10.39
C THR B 148 -14.88 16.40 10.69
N LEU B 149 -14.35 15.17 10.68
CA LEU B 149 -12.92 14.95 10.88
C LEU B 149 -12.09 15.74 9.87
N THR B 150 -12.41 15.59 8.58
CA THR B 150 -11.60 16.24 7.55
C THR B 150 -11.81 17.75 7.54
N LYS B 151 -13.04 18.21 7.81
CA LYS B 151 -13.28 19.64 7.92
C LYS B 151 -12.41 20.26 9.00
N ASN B 152 -12.28 19.58 10.14
CA ASN B 152 -11.39 20.07 11.19
C ASN B 152 -9.94 20.05 10.75
N LEU B 153 -9.55 19.03 9.95
CA LEU B 153 -8.18 19.00 9.43
C LEU B 153 -7.94 20.16 8.47
N LYS B 154 -8.96 20.51 7.68
CA LYS B 154 -8.77 21.57 6.68
C LYS B 154 -8.70 22.95 7.32
N LEU B 155 -9.32 23.14 8.48
CA LEU B 155 -9.48 24.46 9.07
C LEU B 155 -8.75 24.68 10.38
N SER B 156 -8.20 23.65 11.01
CA SER B 156 -7.61 23.82 12.33
C SER B 156 -6.36 24.71 12.26
N CYS B 157 -6.10 25.41 13.36
CA CYS B 157 -4.89 26.20 13.53
C CYS B 157 -4.03 25.68 14.68
N ASP B 158 -4.38 24.53 15.25
CA ASP B 158 -3.68 23.99 16.41
C ASP B 158 -2.51 23.11 15.98
N SER B 159 -1.69 22.74 16.96
CA SER B 159 -0.57 21.84 16.71
C SER B 159 -1.07 20.45 16.34
N VAL B 160 -0.21 19.69 15.65
CA VAL B 160 -0.55 18.35 15.21
C VAL B 160 -0.87 17.49 16.43
N ASP B 161 -1.97 16.73 16.34
CA ASP B 161 -2.39 15.82 17.40
C ASP B 161 -2.87 14.53 16.77
N ILE B 162 -2.41 13.40 17.31
CA ILE B 162 -2.76 12.09 16.74
C ILE B 162 -4.26 11.85 16.84
N LYS B 163 -4.90 12.33 17.91
CA LYS B 163 -6.33 12.10 18.09
C LYS B 163 -7.18 12.84 17.07
N ASP B 164 -6.62 13.85 16.39
CA ASP B 164 -7.32 14.50 15.29
C ASP B 164 -7.42 13.61 14.06
N LEU B 166 -8.63 10.54 14.01
CA LEU B 166 -9.66 9.54 14.19
C LEU B 166 -10.89 10.18 14.81
N SER B 167 -12.05 9.64 14.48
CA SER B 167 -13.32 10.07 15.06
C SER B 167 -14.03 8.84 15.63
N LEU B 168 -14.34 8.89 16.92
CA LEU B 168 -14.93 7.77 17.64
C LEU B 168 -16.29 8.18 18.20
N LYS B 169 -17.28 7.30 18.04
CA LYS B 169 -18.62 7.50 18.58
C LYS B 169 -19.09 6.23 19.25
N ILE B 170 -20.05 6.35 20.17
CA ILE B 170 -20.54 5.23 20.94
C ILE B 170 -22.06 5.28 21.03
N HIS B 171 -22.71 4.15 20.75
CA HIS B 171 -24.13 3.94 20.98
C HIS B 171 -24.30 3.01 22.17
N ALA B 172 -25.17 3.37 23.12
CA ALA B 172 -25.37 2.58 24.32
C ALA B 172 -26.87 2.38 24.55
N THR B 173 -27.33 1.14 24.47
CA THR B 173 -28.71 0.79 24.80
C THR B 173 -28.70 0.14 26.19
N TYR B 174 -29.54 0.68 27.09
CA TYR B 174 -29.52 0.25 28.48
C TYR B 174 -30.89 -0.26 28.91
N TYR B 175 -30.87 -1.13 29.92
CA TYR B 175 -32.10 -1.63 30.54
C TYR B 175 -31.89 -1.70 32.04
N VAL B 176 -32.96 -1.42 32.79
CA VAL B 176 -32.91 -1.35 34.24
C VAL B 176 -34.05 -2.20 34.81
N ASP B 177 -33.72 -3.02 35.81
CA ASP B 177 -34.72 -3.71 36.61
C ASP B 177 -34.24 -3.67 38.06
N SER B 178 -34.97 -4.36 38.94
CA SER B 178 -34.65 -4.31 40.37
C SER B 178 -33.30 -4.94 40.67
N ASP B 179 -32.87 -5.92 39.86
CA ASP B 179 -31.64 -6.64 40.14
C ASP B 179 -30.40 -5.96 39.58
N GLU B 180 -30.46 -5.48 38.33
CA GLU B 180 -29.24 -5.08 37.65
C GLU B 180 -29.53 -4.01 36.61
N ILE B 181 -28.47 -3.34 36.19
CA ILE B 181 -28.47 -2.46 35.03
C ILE B 181 -27.68 -3.15 33.93
N SER B 182 -28.27 -3.22 32.75
CA SER B 182 -27.64 -3.84 31.58
C SER B 182 -27.42 -2.78 30.52
N ILE B 183 -26.26 -2.85 29.84
CA ILE B 183 -25.92 -1.89 28.79
C ILE B 183 -25.25 -2.64 27.65
N ASN B 184 -25.74 -2.43 26.43
CA ASN B 184 -25.05 -2.86 25.23
C ASN B 184 -24.32 -1.67 24.64
N VAL B 185 -22.99 -1.76 24.56
CA VAL B 185 -22.14 -0.67 24.11
C VAL B 185 -21.61 -0.99 22.73
N THR B 186 -21.79 -0.05 21.79
CA THR B 186 -21.27 -0.19 20.43
C THR B 186 -20.47 1.06 20.09
N SER B 187 -19.20 0.87 19.74
CA SER B 187 -18.32 1.98 19.36
C SER B 187 -18.00 1.87 17.88
N GLY B 188 -18.19 2.97 17.14
CA GLY B 188 -17.82 3.06 15.74
C GLY B 188 -16.68 4.04 15.58
N VAL B 189 -15.78 3.75 14.64
CA VAL B 189 -14.61 4.59 14.39
C VAL B 189 -14.50 4.84 12.89
N VAL B 190 -14.00 6.03 12.54
CA VAL B 190 -13.56 6.33 11.19
C VAL B 190 -12.14 6.88 11.26
N VAL B 191 -11.31 6.46 10.31
CA VAL B 191 -9.92 6.90 10.19
C VAL B 191 -9.63 7.08 8.70
N PRO B 192 -8.94 8.14 8.28
CA PRO B 192 -8.49 8.21 6.89
C PRO B 192 -7.68 6.97 6.53
N SER B 193 -7.92 6.43 5.35
CA SER B 193 -7.22 5.24 4.88
C SER B 193 -5.97 5.57 4.09
N ALA B 194 -5.67 6.86 3.89
CA ALA B 194 -4.57 7.26 3.02
C ALA B 194 -3.23 6.79 3.55
N LEU B 195 -2.46 6.12 2.70
CA LEU B 195 -1.09 5.77 3.01
C LEU B 195 -0.15 6.85 2.48
N ILE B 196 0.86 7.19 3.28
CA ILE B 196 1.91 8.10 2.87
C ILE B 196 3.11 7.26 2.45
N THR B 197 3.54 7.44 1.20
CA THR B 197 4.75 6.81 0.69
C THR B 197 5.94 7.71 1.00
N ALA B 198 6.96 7.15 1.66
CA ALA B 198 8.13 7.92 2.11
C ALA B 198 9.40 7.30 1.54
N VAL B 199 10.24 8.14 0.96
CA VAL B 199 11.46 7.72 0.27
C VAL B 199 12.63 8.42 0.93
N PRO B 200 13.68 7.70 1.36
CA PRO B 200 14.88 8.37 1.87
C PRO B 200 15.62 9.07 0.74
N ILE B 201 16.02 10.32 0.99
CA ILE B 201 16.72 11.13 -0.01
C ILE B 201 17.98 11.71 0.62
N LEU B 202 18.84 12.25 -0.26
CA LEU B 202 20.08 12.87 0.19
C LEU B 202 19.76 14.10 1.05
N PRO B 203 20.63 14.43 2.00
CA PRO B 203 20.38 15.60 2.86
C PRO B 203 20.31 16.87 2.05
N VAL B 204 19.45 17.79 2.51
CA VAL B 204 19.28 19.10 1.91
C VAL B 204 19.73 20.15 2.92
N SER B 205 20.46 21.16 2.45
CA SER B 205 21.01 22.16 3.35
C SER B 205 19.89 22.94 4.03
N ILE B 206 20.03 23.13 5.34
CA ILE B 206 19.06 23.87 6.15
C ILE B 206 19.72 25.16 6.62
N VAL B 207 19.05 26.28 6.41
CA VAL B 207 19.51 27.57 6.90
C VAL B 207 19.66 27.50 8.42
N PRO B 208 20.85 27.69 8.97
CA PRO B 208 21.06 27.49 10.41
C PRO B 208 20.45 28.60 11.27
N THR B 209 19.12 28.74 11.23
CA THR B 209 18.45 29.67 12.11
C THR B 209 18.41 29.11 13.53
N ALA B 210 17.86 29.91 14.46
CA ALA B 210 17.84 29.51 15.86
C ALA B 210 17.06 28.21 16.05
N LEU B 211 15.94 28.05 15.33
CA LEU B 211 15.17 26.81 15.46
C LEU B 211 15.93 25.63 14.88
N ALA B 212 16.56 25.81 13.72
CA ALA B 212 17.37 24.73 13.13
C ALA B 212 18.53 24.35 14.04
N ARG B 213 19.16 25.35 14.67
CA ARG B 213 20.29 25.06 15.56
C ARG B 213 19.82 24.32 16.80
N SER B 214 18.69 24.72 17.37
CA SER B 214 18.19 24.05 18.58
C SER B 214 17.84 22.59 18.31
N LEU B 215 17.38 22.29 17.09
CA LEU B 215 17.02 20.92 16.75
C LEU B 215 18.23 20.05 16.46
N SER B 216 19.35 20.64 16.03
CA SER B 216 20.54 19.87 15.69
C SER B 216 21.34 19.44 16.91
N GLY B 217 20.90 19.81 18.12
CA GLY B 217 21.46 19.31 19.36
C GLY B 217 20.43 18.48 20.10
N PRO B 218 20.85 17.38 20.74
CA PRO B 218 20.01 16.34 21.33
C PRO B 218 18.78 16.82 22.09
N PHE B 224 14.55 11.19 24.99
CA PHE B 224 14.65 12.14 26.08
C PHE B 224 13.40 12.11 26.98
N GLN B 225 12.38 12.89 26.60
CA GLN B 225 11.19 13.10 27.41
C GLN B 225 9.93 12.53 26.78
N ASP B 226 10.05 11.82 25.65
CA ASP B 226 8.91 11.25 24.92
C ASP B 226 7.90 12.34 24.55
N THR B 227 8.42 13.40 23.92
CA THR B 227 7.63 14.57 23.53
C THR B 227 7.80 14.78 22.04
N GLN B 228 6.69 14.82 21.31
CA GLN B 228 6.71 15.08 19.88
C GLN B 228 6.29 16.52 19.61
N LYS B 229 6.99 17.16 18.67
CA LYS B 229 6.59 18.45 18.14
C LYS B 229 6.88 18.46 16.65
N SER B 230 6.28 19.41 15.95
CA SER B 230 6.42 19.48 14.51
C SER B 230 6.23 20.91 14.02
N GLY B 231 6.70 21.16 12.81
CA GLY B 231 6.53 22.44 12.16
C GLY B 231 6.57 22.29 10.66
N TYR B 232 6.88 23.37 9.95
CA TYR B 232 6.79 23.38 8.50
C TYR B 232 8.11 23.86 7.91
N VAL B 233 8.28 23.58 6.62
CA VAL B 233 9.53 23.84 5.92
C VAL B 233 9.25 24.76 4.75
N ALA B 234 9.85 25.94 4.78
CA ALA B 234 9.85 26.85 3.64
C ALA B 234 11.16 26.70 2.87
N ILE B 235 11.24 27.41 1.74
CA ILE B 235 12.42 27.35 0.89
C ILE B 235 12.72 28.76 0.40
N ASN B 236 14.00 29.05 0.21
CA ASN B 236 14.44 30.37 -0.24
C ASN B 236 14.95 30.28 -1.68
N ASN B 237 15.44 31.41 -2.19
CA ASN B 237 15.92 31.46 -3.57
C ASN B 237 17.15 30.59 -3.78
N SER B 238 17.91 30.29 -2.72
CA SER B 238 19.07 29.43 -2.81
C SER B 238 18.72 27.95 -2.69
N HIS B 239 17.43 27.61 -2.75
CA HIS B 239 16.95 26.23 -2.59
C HIS B 239 17.38 25.63 -1.25
N ASN B 240 17.53 26.48 -0.24
CA ASN B 240 17.83 26.04 1.12
C ASN B 240 16.57 26.07 1.97
N LEU B 241 16.50 25.16 2.93
CA LEU B 241 15.30 24.99 3.74
C LEU B 241 15.32 25.88 4.96
N LEU B 242 14.16 26.43 5.30
CA LEU B 242 13.98 27.23 6.51
C LEU B 242 12.88 26.58 7.36
N LEU B 243 13.23 26.24 8.59
CA LEU B 243 12.27 25.61 9.49
C LEU B 243 11.40 26.69 10.14
N VAL B 244 10.10 26.41 10.21
CA VAL B 244 9.11 27.35 10.73
C VAL B 244 8.34 26.69 11.86
N LEU B 245 8.10 27.43 12.93
CA LEU B 245 7.27 26.94 14.02
C LEU B 245 5.82 26.81 13.54
N ASP B 246 5.08 25.89 14.15
CA ASP B 246 3.70 25.65 13.74
C ASP B 246 2.75 26.76 14.16
N SER B 247 3.22 27.74 14.95
CA SER B 247 2.39 28.84 15.40
C SER B 247 2.73 30.16 14.71
N ASP B 248 3.51 30.11 13.64
CA ASP B 248 3.93 31.35 12.96
C ASP B 248 2.81 31.84 12.06
N PRO B 249 2.37 33.09 12.20
CA PRO B 249 1.29 33.61 11.33
C PRO B 249 1.65 33.64 9.86
N LYS B 250 2.95 33.71 9.53
CA LYS B 250 3.35 33.71 8.13
C LYS B 250 3.01 32.41 7.41
N LEU B 251 2.68 31.35 8.15
CA LEU B 251 2.38 30.05 7.53
C LEU B 251 1.25 30.13 6.53
N SER B 252 0.37 31.13 6.64
CA SER B 252 -0.79 31.18 5.76
C SER B 252 -0.39 31.48 4.31
N SER B 253 0.71 32.19 4.09
CA SER B 253 1.10 32.59 2.74
C SER B 253 2.56 32.31 2.39
N ILE B 254 3.38 31.87 3.33
CA ILE B 254 4.79 31.58 3.03
C ILE B 254 4.87 30.36 2.12
N PRO B 255 5.79 30.32 1.14
CA PRO B 255 5.90 29.14 0.28
C PRO B 255 6.44 27.93 1.03
N LEU B 256 5.60 26.90 1.18
CA LEU B 256 5.95 25.70 1.94
C LEU B 256 6.23 24.55 1.00
N VAL B 257 7.17 23.70 1.40
CA VAL B 257 7.52 22.49 0.64
C VAL B 257 7.46 21.23 1.49
N GLY B 258 7.09 21.32 2.76
CA GLY B 258 7.04 20.12 3.58
C GLY B 258 6.97 20.44 5.06
N ILE B 259 7.41 19.47 5.87
CA ILE B 259 7.27 19.53 7.32
C ILE B 259 8.56 19.05 7.97
N TRP B 260 8.70 19.36 9.25
CA TRP B 260 9.71 18.77 10.11
C TRP B 260 9.05 18.20 11.35
N VAL B 261 9.61 17.09 11.85
CA VAL B 261 9.07 16.39 13.00
C VAL B 261 10.23 16.06 13.93
N ASP B 262 10.00 16.25 15.24
CA ASP B 262 11.00 15.95 16.26
C ASP B 262 10.35 15.13 17.37
N GLY B 263 11.17 14.29 18.00
CA GLY B 263 10.76 13.57 19.18
C GLY B 263 10.24 12.16 18.97
N VAL B 264 10.60 11.50 17.87
CA VAL B 264 10.16 10.14 17.60
C VAL B 264 11.38 9.24 17.47
N ILE B 265 11.13 7.93 17.62
CA ILE B 265 12.20 6.96 17.42
C ILE B 265 12.49 6.77 15.93
N SER B 266 11.45 6.61 15.13
CA SER B 266 11.61 6.38 13.70
C SER B 266 10.42 6.97 12.95
N ILE B 267 10.46 6.83 11.62
CA ILE B 267 9.44 7.42 10.77
C ILE B 267 8.10 6.70 10.91
N HIS B 268 8.09 5.49 11.47
CA HIS B 268 6.85 4.74 11.61
C HIS B 268 5.99 5.22 12.78
N HIS B 269 6.42 6.22 13.53
CA HIS B 269 5.61 6.74 14.62
C HIS B 269 4.31 7.32 14.06
N PRO B 270 3.15 6.97 14.62
CA PRO B 270 1.90 7.54 14.09
C PRO B 270 1.86 9.06 14.08
N TYR B 271 2.68 9.73 14.89
CA TYR B 271 2.73 11.19 14.85
C TYR B 271 3.26 11.70 13.51
N VAL B 272 4.19 10.98 12.90
CA VAL B 272 4.75 11.43 11.61
C VAL B 272 3.69 11.40 10.53
N TRP B 273 2.93 10.30 10.45
CA TRP B 273 1.83 10.23 9.49
C TRP B 273 0.78 11.30 9.78
N SER B 274 0.54 11.59 11.06
CA SER B 274 -0.43 12.61 11.43
C SER B 274 0.01 13.99 10.96
N ALA B 275 1.30 14.30 11.09
CA ALA B 275 1.80 15.59 10.59
C ALA B 275 1.70 15.66 9.07
N CYS B 276 2.02 14.57 8.39
CA CYS B 276 1.88 14.53 6.93
C CYS B 276 0.45 14.82 6.50
N ARG B 278 -1.97 16.27 8.14
CA ARG B 278 -2.34 17.63 8.49
C ARG B 278 -1.80 18.62 7.47
N TYR B 279 -0.57 18.40 7.00
CA TYR B 279 -0.01 19.26 5.96
C TYR B 279 -0.80 19.16 4.66
N LEU B 280 -1.22 17.95 4.30
CA LEU B 280 -1.91 17.75 3.03
C LEU B 280 -3.33 18.31 3.06
N TYR B 281 -4.03 18.14 4.18
CA TYR B 281 -5.43 18.56 4.26
C TYR B 281 -5.58 20.05 4.51
N SER B 282 -4.64 20.67 5.21
CA SER B 282 -4.84 22.03 5.72
C SER B 282 -5.07 23.01 4.58
N GLN B 283 -6.11 23.82 4.71
CA GLN B 283 -6.39 24.90 3.80
C GLN B 283 -6.01 26.25 4.38
N ARG B 284 -5.58 26.29 5.65
CA ARG B 284 -4.95 27.49 6.19
C ARG B 284 -3.57 27.73 5.58
N LEU B 285 -2.93 26.69 5.05
CA LEU B 285 -1.66 26.80 4.34
C LEU B 285 -1.99 26.98 2.86
N THR B 286 -1.99 28.23 2.39
CA THR B 286 -2.44 28.55 1.05
C THR B 286 -1.36 28.45 -0.01
N ASN B 287 -0.08 28.32 0.38
CA ASN B 287 1.00 28.35 -0.60
C ASN B 287 1.90 27.12 -0.45
N LYS B 288 1.29 25.94 -0.59
CA LYS B 288 2.03 24.68 -0.53
C LYS B 288 2.50 24.32 -1.94
N ILE B 289 3.67 24.84 -2.32
CA ILE B 289 4.17 24.63 -3.68
C ILE B 289 4.69 23.22 -3.91
N ARG B 290 4.87 22.45 -2.85
CA ARG B 290 5.14 21.02 -2.96
C ARG B 290 4.15 20.29 -2.05
N ASP B 291 3.44 19.31 -2.61
CA ASP B 291 2.32 18.68 -1.92
C ASP B 291 2.40 17.18 -2.16
N GLY B 292 1.29 16.48 -1.94
CA GLY B 292 1.29 15.03 -2.07
C GLY B 292 1.48 14.52 -3.49
N SER B 293 1.17 15.34 -4.50
CA SER B 293 1.32 14.89 -5.88
C SER B 293 2.74 15.09 -6.38
N THR B 294 3.39 16.19 -6.01
CA THR B 294 4.77 16.41 -6.41
C THR B 294 5.76 15.68 -5.52
N GLY B 295 5.35 15.28 -4.32
CA GLY B 295 6.29 14.85 -3.31
C GLY B 295 6.69 16.05 -2.47
N PHE B 296 6.71 15.89 -1.14
CA PHE B 296 7.12 16.96 -0.25
C PHE B 296 8.17 16.43 0.70
N ILE B 297 8.92 17.34 1.30
CA ILE B 297 10.07 16.93 2.09
C ILE B 297 9.65 16.77 3.55
N LEU B 298 10.28 15.80 4.21
CA LEU B 298 10.13 15.58 5.64
C LEU B 298 11.52 15.61 6.26
N VAL B 299 11.74 16.56 7.17
CA VAL B 299 12.97 16.64 7.94
C VAL B 299 12.68 15.99 9.29
N LEU B 300 13.21 14.80 9.50
CA LEU B 300 12.86 13.97 10.66
C LEU B 300 14.02 13.94 11.64
N TYR B 301 13.81 14.52 12.81
CA TYR B 301 14.77 14.46 13.92
C TYR B 301 14.38 13.30 14.83
N THR B 302 15.17 12.24 14.81
CA THR B 302 14.89 11.05 15.62
C THR B 302 15.70 11.09 16.91
N GLN B 303 15.19 10.37 17.91
CA GLN B 303 15.87 10.29 19.20
C GLN B 303 17.12 9.42 19.16
N THR B 304 17.38 8.75 18.04
CA THR B 304 18.46 7.77 17.96
C THR B 304 19.62 8.21 17.07
N ARG B 305 19.54 9.36 16.43
CA ARG B 305 20.58 9.80 15.52
C ARG B 305 20.94 11.26 15.78
N PRO B 306 22.20 11.63 15.56
CA PRO B 306 22.61 13.03 15.77
C PRO B 306 22.01 13.98 14.75
N LYS B 307 22.15 13.61 13.46
CA LYS B 307 21.69 14.42 12.34
C LYS B 307 20.30 13.97 11.88
N PRO B 308 19.49 14.88 11.33
CA PRO B 308 18.14 14.51 10.92
C PRO B 308 18.14 13.70 9.62
N GLU B 309 17.11 12.87 9.49
CA GLU B 309 16.86 12.13 8.27
C GLU B 309 15.99 12.97 7.33
N PHE B 310 16.22 12.80 6.03
CA PHE B 310 15.48 13.51 5.00
C PHE B 310 14.68 12.50 4.18
N TRP B 311 13.37 12.72 4.08
CA TRP B 311 12.47 11.86 3.33
C TRP B 311 11.62 12.68 2.39
N GLU B 312 11.37 12.15 1.20
CA GLU B 312 10.37 12.71 0.29
C GLU B 312 9.09 11.89 0.43
N CYS B 313 7.99 12.56 0.78
CA CYS B 313 6.73 11.92 1.04
C CYS B 313 5.71 12.29 -0.04
N SER B 314 4.83 11.34 -0.35
CA SER B 314 3.83 11.54 -1.38
C SER B 314 2.58 10.72 -1.07
N PHE B 315 1.52 11.00 -1.83
CA PHE B 315 0.25 10.31 -1.72
C PHE B 315 -0.30 10.09 -3.11
N SER B 316 -0.71 8.86 -3.42
CA SER B 316 -1.11 8.49 -4.77
C SER B 316 -2.41 7.70 -4.81
N GLY B 317 -3.18 7.69 -3.70
CA GLY B 317 -4.43 6.99 -3.65
C GLY B 317 -5.61 7.92 -3.92
N LYS B 318 -6.80 7.31 -3.94
CA LYS B 318 -8.02 8.08 -4.10
C LYS B 318 -8.29 8.88 -2.83
N SER B 319 -8.68 10.14 -3.01
CA SER B 319 -8.86 11.03 -1.88
C SER B 319 -10.11 10.63 -1.07
N ASP B 320 -10.21 11.22 0.12
CA ASP B 320 -11.31 11.07 1.08
C ASP B 320 -11.83 9.65 1.28
N LYS B 321 -10.98 8.64 1.14
CA LYS B 321 -11.34 7.30 1.54
C LYS B 321 -11.05 7.11 3.03
N PHE B 322 -11.88 6.33 3.70
CA PHE B 322 -11.69 6.14 5.13
C PHE B 322 -11.92 4.69 5.54
N LEU B 323 -11.16 4.24 6.53
CA LEU B 323 -11.42 2.99 7.21
C LEU B 323 -12.51 3.20 8.25
N TYR B 324 -13.35 2.18 8.44
CA TYR B 324 -14.38 2.29 9.46
C TYR B 324 -14.88 0.90 9.84
N CYS B 325 -15.34 0.78 11.09
CA CYS B 325 -15.97 -0.45 11.58
C CYS B 325 -16.51 -0.22 12.99
N GLN B 326 -17.13 -1.25 13.58
CA GLN B 326 -17.69 -1.13 14.91
C GLN B 326 -17.33 -2.36 15.74
N ALA B 327 -17.48 -2.21 17.06
CA ALA B 327 -17.32 -3.31 18.00
C ALA B 327 -18.34 -3.16 19.11
N SER B 328 -18.84 -4.30 19.59
CA SER B 328 -19.91 -4.31 20.58
C SER B 328 -19.55 -5.24 21.73
N ASP B 329 -20.15 -4.96 22.89
CA ASP B 329 -20.02 -5.81 24.07
C ASP B 329 -21.12 -5.40 25.04
N ASP B 330 -21.46 -6.34 25.93
CA ASP B 330 -22.45 -6.12 26.98
C ASP B 330 -21.77 -6.03 28.34
N ILE B 331 -22.32 -5.19 29.21
CA ILE B 331 -21.87 -5.10 30.59
C ILE B 331 -23.10 -5.21 31.49
N PHE B 332 -22.97 -5.96 32.58
CA PHE B 332 -24.05 -6.19 33.53
C PHE B 332 -23.62 -5.67 34.89
N GLU B 334 -24.68 -4.96 38.90
CA GLU B 334 -25.55 -4.99 40.05
C GLU B 334 -25.58 -3.61 40.70
N LYS B 335 -26.67 -3.34 41.43
CA LYS B 335 -26.92 -2.00 41.94
C LYS B 335 -25.78 -1.49 42.80
N VAL B 336 -25.08 -2.37 43.51
CA VAL B 336 -23.96 -1.96 44.33
C VAL B 336 -22.81 -1.52 43.41
N ALA B 337 -22.34 -0.29 43.61
CA ALA B 337 -21.13 0.16 42.94
C ALA B 337 -19.97 -0.67 43.49
N LYS B 338 -19.62 -1.74 42.78
CA LYS B 338 -18.65 -2.70 43.29
C LYS B 338 -17.27 -2.07 43.44
N THR B 339 -16.55 -2.48 44.48
CA THR B 339 -15.18 -2.02 44.72
C THR B 339 -14.21 -2.78 43.82
N ARG B 340 -14.41 -2.62 42.51
CA ARG B 340 -13.61 -3.27 41.49
C ARG B 340 -13.44 -2.33 40.31
N ASN B 341 -12.21 -2.26 39.79
CA ASN B 341 -11.92 -1.42 38.62
C ASN B 341 -12.30 -2.15 37.34
N GLU B 342 -13.59 -2.45 37.22
CA GLU B 342 -14.10 -3.13 36.05
C GLU B 342 -14.05 -2.20 34.83
N TYR B 343 -13.78 -2.79 33.67
CA TYR B 343 -13.77 -2.04 32.43
C TYR B 343 -14.11 -2.96 31.27
N ARG B 345 -13.26 -3.76 27.23
CA ARG B 345 -12.25 -3.58 26.20
C ARG B 345 -12.85 -3.94 24.85
N LEU B 346 -12.78 -3.00 23.91
CA LEU B 346 -13.26 -3.20 22.55
C LEU B 346 -12.09 -3.06 21.59
N GLN B 347 -12.05 -3.91 20.58
CA GLN B 347 -10.95 -3.93 19.62
C GLN B 347 -11.49 -3.69 18.22
N LEU B 348 -10.89 -2.73 17.51
CA LEU B 348 -11.33 -2.33 16.19
C LEU B 348 -10.18 -2.52 15.20
N VAL B 349 -10.43 -3.31 14.16
CA VAL B 349 -9.53 -3.43 13.02
C VAL B 349 -10.32 -3.09 11.77
N PRO B 350 -10.48 -1.81 11.43
CA PRO B 350 -11.39 -1.42 10.36
C PRO B 350 -10.77 -1.53 8.98
N ASN B 351 -11.63 -1.68 7.99
CA ASN B 351 -11.24 -1.63 6.59
C ASN B 351 -12.13 -0.65 5.86
N GLU B 352 -11.96 -0.55 4.54
CA GLU B 352 -12.71 0.42 3.75
C GLU B 352 -14.13 -0.04 3.44
N PHE B 353 -14.57 -1.17 4.02
CA PHE B 353 -15.89 -1.71 3.76
C PHE B 353 -16.72 -1.85 5.03
N GLY B 354 -16.31 -1.22 6.12
CA GLY B 354 -17.09 -1.25 7.35
C GLY B 354 -16.98 -2.52 8.15
N GLU B 355 -16.04 -3.40 7.84
CA GLU B 355 -15.90 -4.68 8.50
C GLU B 355 -14.81 -4.61 9.56
N ASN B 356 -15.08 -5.24 10.71
CA ASN B 356 -14.11 -5.34 11.79
C ASN B 356 -13.38 -6.66 11.63
N LEU B 357 -12.08 -6.59 11.34
CA LEU B 357 -11.29 -7.78 11.09
C LEU B 357 -10.69 -8.39 12.36
N TYR B 358 -11.08 -7.89 13.53
CA TYR B 358 -10.50 -8.39 14.76
C TYR B 358 -10.99 -9.81 15.06
N PHE B 359 -10.05 -10.67 15.43
CA PHE B 359 -10.34 -12.06 15.78
C PHE B 359 -9.45 -12.44 16.96
N GLN B 360 -10.08 -12.93 18.02
CA GLN B 360 -9.32 -13.33 19.21
C GLN B 360 -8.55 -14.61 18.95
#